data_3MCN
#
_entry.id   3MCN
#
_cell.length_a   42.902
_cell.length_b   58.190
_cell.length_c   105.077
_cell.angle_alpha   91.000
_cell.angle_beta   80.110
_cell.angle_gamma   68.290
#
_symmetry.space_group_name_H-M   'P 1'
#
loop_
_entity.id
_entity.type
_entity.pdbx_description
1 polymer '2-amino-4-hydroxy-6-hydroxymethyldihydropteridine pyrophosphokinase/dihydropteroate synthase'
2 non-polymer 'MAGNESIUM ION'
3 non-polymer 2,6-diamino-5-nitropyrimidin-4(3H)-one
4 water water
#
_entity_poly.entity_id   1
_entity_poly.type   'polypeptide(L)'
_entity_poly.pdbx_seq_one_letter_code
;MGSSHHHHHHSSGLVPRGSHMVQYIIGIGTNSGFTIENIHLAITALESQQNIRIIRKASLYSSKAVLKEDAPKEWDIRFL
NTAVKISSSLKPDELLVLLKDIELKIGRDLNAPAWSPRVIDLDILAAEDLILETDKLTIPHKELINRSFALAPLLELSKG
WHHPKYVEWDLNIRLKELGEIVKLKQTLANTIRMGIVNLSNQSFSDGNFDDNQRKLNLDELIQSGAEIIDIGAESTKPDA
KPISIEEEFNKLNEFLEYFKSQLANLIYKPLVSIDTRKLEVMQKILAKHHDIIWMINDVECNNIEQKAQLIAKYNKKYVI
IHNLGITDRNQYLDKENAIDNVCDYIEQKKQILLKHGIAQQNIYFDIGFGFGKKSDTARYLLENIIEIKRRLELKALVGH
SRKPSVLGLTKDSNLATLDRATRELSRKLEKLDIDIIRVHKI
;
_entity_poly.pdbx_strand_id   A,B
#
# COMPACT_ATOMS: atom_id res chain seq x y z
N MET A 21 13.67 -34.85 -35.08
CA MET A 21 13.61 -33.59 -34.36
C MET A 21 14.97 -32.89 -34.33
N VAL A 22 14.97 -31.64 -34.81
CA VAL A 22 16.17 -30.82 -34.86
C VAL A 22 15.91 -29.46 -34.22
N GLN A 23 16.94 -28.86 -33.60
CA GLN A 23 16.80 -27.49 -33.12
C GLN A 23 17.29 -26.47 -34.12
N TYR A 24 16.42 -25.52 -34.47
CA TYR A 24 16.79 -24.41 -35.34
C TYR A 24 16.76 -23.09 -34.56
N ILE A 25 17.64 -22.16 -34.91
CA ILE A 25 17.58 -20.78 -34.44
C ILE A 25 17.07 -19.97 -35.60
N ILE A 26 15.88 -19.39 -35.45
CA ILE A 26 15.29 -18.55 -36.50
C ILE A 26 15.55 -17.09 -36.16
N GLY A 27 16.15 -16.36 -37.08
CA GLY A 27 16.34 -14.92 -36.92
C GLY A 27 15.17 -14.15 -37.54
N ILE A 28 14.68 -13.13 -36.83
CA ILE A 28 13.47 -12.36 -37.20
C ILE A 28 13.77 -10.88 -37.08
N GLY A 29 13.68 -10.15 -38.19
CA GLY A 29 13.95 -8.72 -38.17
C GLY A 29 12.85 -7.97 -38.87
N THR A 30 12.76 -6.66 -38.63
CA THR A 30 11.72 -5.84 -39.23
C THR A 30 12.01 -4.38 -38.99
N ASN A 31 11.81 -3.55 -40.01
CA ASN A 31 11.90 -2.10 -39.83
C ASN A 31 10.72 -1.34 -40.43
N SER A 32 9.54 -1.93 -40.39
CA SER A 32 8.39 -1.31 -41.05
C SER A 32 7.09 -1.63 -40.34
N GLY A 33 6.15 -0.70 -40.38
CA GLY A 33 4.86 -0.93 -39.76
C GLY A 33 4.94 -0.98 -38.23
N PHE A 34 4.01 -1.71 -37.64
CA PHE A 34 4.01 -2.00 -36.20
C PHE A 34 5.07 -3.09 -35.94
N THR A 35 6.29 -2.64 -35.68
CA THR A 35 7.46 -3.51 -35.62
C THR A 35 7.37 -4.66 -34.64
N ILE A 36 7.09 -4.39 -33.37
CA ILE A 36 6.99 -5.48 -32.41
C ILE A 36 5.80 -6.39 -32.74
N GLU A 37 4.79 -5.86 -33.41
CA GLU A 37 3.62 -6.67 -33.71
C GLU A 37 3.96 -7.64 -34.81
N ASN A 38 4.73 -7.16 -35.80
CA ASN A 38 5.16 -8.01 -36.89
C ASN A 38 6.00 -9.16 -36.33
N ILE A 39 6.86 -8.87 -35.36
CA ILE A 39 7.70 -9.90 -34.77
C ILE A 39 6.86 -10.92 -34.01
N HIS A 40 5.96 -10.43 -33.16
CA HIS A 40 5.08 -11.34 -32.43
C HIS A 40 4.29 -12.25 -33.36
N LEU A 41 3.85 -11.69 -34.48
CA LEU A 41 3.04 -12.44 -35.47
C LEU A 41 3.80 -13.51 -36.24
N ALA A 42 5.05 -13.22 -36.61
CA ALA A 42 5.91 -14.26 -37.21
C ALA A 42 6.13 -15.40 -36.22
N ILE A 43 6.31 -15.09 -34.94
CA ILE A 43 6.47 -16.11 -33.91
C ILE A 43 5.18 -16.94 -33.76
N THR A 44 4.06 -16.25 -33.68
CA THR A 44 2.76 -16.93 -33.60
C THR A 44 2.59 -17.89 -34.76
N ALA A 45 2.87 -17.42 -35.97
CA ALA A 45 2.82 -18.27 -37.17
C ALA A 45 3.59 -19.58 -36.98
N LEU A 46 4.86 -19.47 -36.57
CA LEU A 46 5.70 -20.65 -36.36
C LEU A 46 5.14 -21.57 -35.27
N GLU A 47 4.84 -21.00 -34.10
CA GLU A 47 4.29 -21.81 -33.02
C GLU A 47 3.04 -22.56 -33.48
N SER A 48 2.21 -21.94 -34.32
CA SER A 48 0.97 -22.59 -34.75
C SER A 48 1.17 -23.82 -35.66
N GLN A 49 2.39 -24.03 -36.16
CA GLN A 49 2.67 -25.21 -36.94
C GLN A 49 2.70 -26.45 -36.06
N GLN A 50 1.90 -27.45 -36.40
CA GLN A 50 1.86 -28.69 -35.63
C GLN A 50 3.23 -29.38 -35.48
N ASN A 51 4.13 -29.19 -36.45
CA ASN A 51 5.46 -29.80 -36.39
C ASN A 51 6.57 -28.86 -35.88
N ILE A 52 6.20 -27.88 -35.06
CA ILE A 52 7.16 -26.96 -34.48
C ILE A 52 6.81 -26.68 -33.03
N ARG A 53 7.82 -26.72 -32.17
CA ARG A 53 7.68 -26.32 -30.80
C ARG A 53 8.55 -25.07 -30.63
N ILE A 54 8.07 -24.07 -29.89
CA ILE A 54 8.88 -22.91 -29.53
C ILE A 54 9.58 -23.20 -28.22
N ILE A 55 10.92 -23.24 -28.24
CA ILE A 55 11.70 -23.47 -27.03
C ILE A 55 12.01 -22.20 -26.25
N ARG A 56 12.59 -21.21 -26.94
CA ARG A 56 12.93 -19.94 -26.28
C ARG A 56 13.03 -18.78 -27.28
N LYS A 57 12.64 -17.61 -26.81
CA LYS A 57 12.67 -16.38 -27.59
C LYS A 57 13.75 -15.48 -27.02
N ALA A 58 14.59 -14.88 -27.87
CA ALA A 58 15.66 -14.01 -27.41
C ALA A 58 15.11 -12.66 -26.95
N SER A 59 16.03 -11.76 -26.61
CA SER A 59 15.65 -10.39 -26.33
C SER A 59 15.46 -9.62 -27.64
N LEU A 60 15.07 -8.35 -27.53
CA LEU A 60 14.86 -7.52 -28.70
C LEU A 60 16.01 -6.59 -28.88
N TYR A 61 16.45 -6.43 -30.13
CA TYR A 61 17.65 -5.66 -30.46
C TYR A 61 17.37 -4.59 -31.51
N SER A 62 18.02 -3.44 -31.37
CA SER A 62 17.83 -2.30 -32.24
C SER A 62 19.12 -2.06 -33.02
N SER A 63 18.99 -1.96 -34.33
CA SER A 63 20.13 -1.62 -35.20
C SER A 63 19.63 -0.68 -36.28
N LYS A 64 20.54 0.06 -36.89
CA LYS A 64 20.18 1.11 -37.84
C LYS A 64 20.02 0.58 -39.26
N ALA A 65 18.98 1.04 -39.94
CA ALA A 65 18.69 0.61 -41.31
C ALA A 65 19.95 0.49 -42.19
N ASP A 76 14.60 5.91 -43.64
CA ASP A 76 15.18 4.72 -43.04
C ASP A 76 14.84 4.65 -41.56
N ILE A 77 14.20 3.57 -41.16
CA ILE A 77 13.78 3.42 -39.78
C ILE A 77 14.66 2.38 -39.09
N ARG A 78 14.73 2.48 -37.78
CA ARG A 78 15.44 1.51 -36.97
C ARG A 78 14.91 0.08 -37.16
N PHE A 79 15.82 -0.88 -37.24
CA PHE A 79 15.46 -2.30 -37.27
C PHE A 79 15.19 -2.86 -35.89
N LEU A 80 14.23 -3.77 -35.82
CA LEU A 80 13.94 -4.50 -34.61
C LEU A 80 14.22 -5.96 -34.95
N ASN A 81 15.17 -6.56 -34.23
CA ASN A 81 15.57 -7.95 -34.48
C ASN A 81 15.52 -8.79 -33.22
N THR A 82 15.16 -10.05 -33.38
CA THR A 82 15.28 -11.05 -32.32
C THR A 82 15.57 -12.41 -32.97
N ALA A 83 15.55 -13.46 -32.16
CA ALA A 83 15.69 -14.82 -32.66
C ALA A 83 14.82 -15.74 -31.80
N VAL A 84 14.42 -16.88 -32.36
CA VAL A 84 13.71 -17.89 -31.59
C VAL A 84 14.33 -19.25 -31.77
N LYS A 85 14.45 -19.99 -30.68
CA LYS A 85 14.97 -21.34 -30.82
C LYS A 85 13.77 -22.25 -30.89
N ILE A 86 13.68 -23.05 -31.95
CA ILE A 86 12.59 -24.01 -32.13
C ILE A 86 13.09 -25.45 -32.24
N SER A 87 12.16 -26.38 -32.10
CA SER A 87 12.39 -27.79 -32.36
C SER A 87 11.41 -28.16 -33.45
N SER A 88 11.82 -29.00 -34.39
CA SER A 88 10.96 -29.29 -35.52
C SER A 88 11.48 -30.48 -36.29
N SER A 89 10.55 -31.22 -36.88
CA SER A 89 10.87 -32.36 -37.73
C SER A 89 10.93 -31.89 -39.18
N LEU A 90 10.75 -30.59 -39.39
CA LEU A 90 10.93 -30.02 -40.71
C LEU A 90 12.39 -30.17 -41.18
N LYS A 91 12.57 -30.40 -42.47
CA LYS A 91 13.91 -30.44 -43.06
C LYS A 91 14.29 -29.02 -43.44
N PRO A 92 15.60 -28.73 -43.44
CA PRO A 92 15.96 -27.34 -43.72
C PRO A 92 15.16 -26.75 -44.88
N ASP A 93 15.16 -27.38 -46.06
CA ASP A 93 14.52 -26.77 -47.24
C ASP A 93 13.01 -26.59 -47.04
N GLU A 94 12.37 -27.57 -46.41
CA GLU A 94 10.95 -27.45 -46.07
C GLU A 94 10.70 -26.29 -45.11
N LEU A 95 11.65 -26.05 -44.21
CA LEU A 95 11.49 -24.97 -43.25
C LEU A 95 11.69 -23.64 -43.97
N LEU A 96 12.61 -23.65 -44.92
CA LEU A 96 12.80 -22.49 -45.79
C LEU A 96 11.49 -22.12 -46.48
N VAL A 97 10.81 -23.14 -46.98
CA VAL A 97 9.48 -22.94 -47.58
C VAL A 97 8.47 -22.28 -46.61
N LEU A 98 8.32 -22.83 -45.41
CA LEU A 98 7.45 -22.23 -44.38
C LEU A 98 7.75 -20.75 -44.14
N LEU A 99 9.03 -20.39 -44.11
CA LEU A 99 9.44 -19.05 -43.75
C LEU A 99 9.02 -18.03 -44.81
N LYS A 100 9.26 -18.35 -46.09
CA LYS A 100 8.81 -17.50 -47.18
C LYS A 100 7.29 -17.33 -47.13
N ASP A 101 6.59 -18.40 -46.74
CA ASP A 101 5.14 -18.36 -46.60
C ASP A 101 4.79 -17.32 -45.56
N ILE A 102 5.37 -17.48 -44.36
CA ILE A 102 5.10 -16.54 -43.28
C ILE A 102 5.46 -15.13 -43.70
N GLU A 103 6.57 -14.98 -44.41
CA GLU A 103 6.94 -13.66 -44.90
C GLU A 103 5.86 -13.03 -45.77
N LEU A 104 5.09 -13.85 -46.49
CA LEU A 104 4.00 -13.31 -47.29
C LEU A 104 2.69 -13.08 -46.50
N LYS A 105 2.50 -13.80 -45.40
CA LYS A 105 1.33 -13.61 -44.53
C LYS A 105 1.40 -12.26 -43.83
N ILE A 106 2.51 -12.01 -43.14
CA ILE A 106 2.72 -10.75 -42.46
C ILE A 106 2.82 -9.63 -43.50
N GLY A 107 3.01 -9.99 -44.75
CA GLY A 107 2.91 -9.06 -45.86
C GLY A 107 4.19 -8.36 -46.29
N ARG A 108 5.27 -9.13 -46.43
CA ARG A 108 6.58 -8.60 -46.81
C ARG A 108 6.77 -8.49 -48.32
N PRO A 117 13.08 -0.81 -46.07
CA PRO A 117 11.95 -0.99 -45.15
C PRO A 117 11.28 -2.36 -45.33
N ARG A 118 11.80 -3.38 -44.66
CA ARG A 118 11.22 -4.71 -44.71
C ARG A 118 10.26 -4.92 -43.54
N VAL A 119 9.06 -5.39 -43.86
CA VAL A 119 8.05 -5.68 -42.83
C VAL A 119 8.50 -6.86 -41.99
N ILE A 120 8.96 -7.94 -42.64
CA ILE A 120 9.47 -9.07 -41.88
C ILE A 120 10.50 -9.86 -42.65
N ASP A 121 11.62 -10.15 -42.01
CA ASP A 121 12.68 -10.95 -42.60
C ASP A 121 13.01 -12.13 -41.68
N LEU A 122 12.78 -13.34 -42.21
CA LEU A 122 12.99 -14.59 -41.48
C LEU A 122 14.13 -15.42 -42.11
N ASP A 123 15.14 -15.73 -41.30
CA ASP A 123 16.29 -16.52 -41.74
C ASP A 123 16.61 -17.67 -40.78
N ILE A 124 16.89 -18.83 -41.35
CA ILE A 124 17.43 -19.92 -40.57
C ILE A 124 18.85 -19.55 -40.21
N LEU A 125 19.07 -19.23 -38.94
CA LEU A 125 20.39 -18.81 -38.50
C LEU A 125 21.35 -20.00 -38.35
N ALA A 126 20.84 -21.09 -37.80
CA ALA A 126 21.67 -22.22 -37.45
C ALA A 126 20.78 -23.43 -37.19
N ALA A 127 21.41 -24.61 -37.16
CA ALA A 127 20.76 -25.83 -36.70
C ALA A 127 21.79 -26.75 -36.05
N GLU A 128 22.04 -26.53 -34.76
CA GLU A 128 23.07 -27.29 -34.09
C GLU A 128 24.38 -27.17 -34.83
N ASP A 129 24.92 -28.32 -35.20
CA ASP A 129 26.26 -28.38 -35.75
C ASP A 129 26.13 -28.63 -37.23
N LEU A 130 24.90 -28.45 -37.72
CA LEU A 130 24.61 -28.68 -39.12
C LEU A 130 25.35 -27.72 -40.03
N ILE A 131 25.92 -28.28 -41.08
CA ILE A 131 26.55 -27.52 -42.15
C ILE A 131 25.87 -27.90 -43.45
N LEU A 132 25.32 -26.92 -44.16
CA LEU A 132 24.63 -27.21 -45.40
C LEU A 132 24.86 -26.13 -46.43
N GLU A 133 25.29 -26.55 -47.61
CA GLU A 133 25.55 -25.64 -48.73
C GLU A 133 24.75 -26.05 -49.94
N THR A 134 23.78 -25.21 -50.28
CA THR A 134 23.02 -25.36 -51.50
C THR A 134 22.73 -23.95 -51.99
N ASP A 135 22.67 -23.77 -53.30
CA ASP A 135 22.28 -22.48 -53.86
C ASP A 135 21.04 -21.97 -53.15
N LYS A 136 20.09 -22.88 -52.90
CA LYS A 136 18.89 -22.57 -52.14
C LYS A 136 19.24 -21.94 -50.79
N LEU A 137 19.97 -22.68 -49.97
CA LEU A 137 20.29 -22.20 -48.63
C LEU A 137 21.63 -22.68 -48.09
N THR A 138 22.16 -21.88 -47.18
CA THR A 138 23.37 -22.19 -46.45
C THR A 138 23.01 -22.19 -44.98
N ILE A 139 23.49 -23.19 -44.25
CA ILE A 139 23.41 -23.20 -42.80
C ILE A 139 24.78 -23.58 -42.27
N PRO A 140 25.33 -22.79 -41.34
CA PRO A 140 24.68 -21.60 -40.78
C PRO A 140 24.56 -20.44 -41.78
N HIS A 141 23.59 -19.57 -41.55
CA HIS A 141 23.38 -18.47 -42.48
C HIS A 141 24.68 -17.73 -42.78
N LYS A 142 24.99 -17.63 -44.07
CA LYS A 142 26.20 -16.97 -44.58
C LYS A 142 26.59 -15.67 -43.88
N GLU A 143 25.62 -14.87 -43.48
CA GLU A 143 25.93 -13.60 -42.81
C GLU A 143 25.81 -13.63 -41.28
N LEU A 144 25.51 -14.79 -40.68
CA LEU A 144 25.38 -14.89 -39.21
C LEU A 144 26.51 -14.15 -38.52
N ILE A 145 27.73 -14.42 -38.97
CA ILE A 145 28.96 -13.89 -38.36
C ILE A 145 29.34 -12.46 -38.82
N ASN A 146 28.52 -11.86 -39.67
CA ASN A 146 28.72 -10.48 -40.10
C ASN A 146 27.66 -9.53 -39.56
N ARG A 147 26.62 -10.08 -38.93
CA ARG A 147 25.49 -9.28 -38.48
C ARG A 147 25.26 -9.47 -36.97
N SER A 148 25.63 -8.47 -36.19
CA SER A 148 25.48 -8.51 -34.75
C SER A 148 24.01 -8.65 -34.32
N PHE A 149 23.09 -8.20 -35.16
CA PHE A 149 21.66 -8.27 -34.84
C PHE A 149 21.13 -9.67 -35.12
N ALA A 150 21.97 -10.49 -35.75
CA ALA A 150 21.68 -11.89 -35.94
C ALA A 150 22.45 -12.67 -34.88
N LEU A 151 23.74 -12.37 -34.74
CA LEU A 151 24.60 -13.16 -33.88
C LEU A 151 24.27 -12.95 -32.40
N ALA A 152 23.94 -11.73 -32.01
CA ALA A 152 23.71 -11.45 -30.59
C ALA A 152 22.53 -12.24 -30.02
N PRO A 153 21.35 -12.14 -30.64
CA PRO A 153 20.26 -13.02 -30.20
C PRO A 153 20.58 -14.52 -30.24
N LEU A 154 21.28 -15.00 -31.27
CA LEU A 154 21.63 -16.42 -31.34
C LEU A 154 22.39 -16.85 -30.11
N LEU A 155 23.47 -16.13 -29.79
CA LEU A 155 24.34 -16.48 -28.66
C LEU A 155 23.59 -16.31 -27.34
N GLU A 156 22.67 -15.36 -27.29
CA GLU A 156 21.78 -15.23 -26.14
C GLU A 156 20.96 -16.52 -25.96
N LEU A 157 20.60 -17.15 -27.06
CA LEU A 157 19.83 -18.38 -26.99
C LEU A 157 20.73 -19.61 -26.76
N SER A 158 21.98 -19.54 -27.19
CA SER A 158 22.89 -20.67 -27.17
C SER A 158 24.27 -20.15 -26.87
N LYS A 159 24.52 -19.82 -25.61
CA LYS A 159 25.76 -19.18 -25.20
C LYS A 159 26.98 -20.06 -25.45
N GLY A 160 26.74 -21.36 -25.57
CA GLY A 160 27.80 -22.30 -25.87
C GLY A 160 27.92 -22.64 -27.36
N TRP A 161 27.27 -21.87 -28.24
CA TRP A 161 27.25 -22.23 -29.66
C TRP A 161 28.56 -21.91 -30.36
N HIS A 162 29.01 -22.84 -31.21
CA HIS A 162 30.20 -22.64 -32.02
C HIS A 162 29.82 -22.85 -33.49
N HIS A 163 30.40 -22.08 -34.39
CA HIS A 163 30.08 -22.25 -35.81
C HIS A 163 30.79 -23.52 -36.30
N PRO A 164 30.03 -24.53 -36.75
CA PRO A 164 30.60 -25.84 -37.07
C PRO A 164 31.67 -25.81 -38.17
N LYS A 165 31.65 -24.78 -39.01
CA LYS A 165 32.68 -24.60 -40.01
C LYS A 165 33.95 -24.07 -39.38
N TYR A 166 33.82 -23.42 -38.22
CA TYR A 166 34.95 -22.76 -37.57
C TYR A 166 34.96 -23.03 -36.08
N VAL A 167 35.11 -24.30 -35.71
CA VAL A 167 34.93 -24.72 -34.32
C VAL A 167 35.84 -24.01 -33.34
N GLU A 168 36.87 -23.34 -33.86
CA GLU A 168 37.84 -22.68 -33.01
C GLU A 168 37.55 -21.21 -32.80
N TRP A 169 36.60 -20.68 -33.57
CA TRP A 169 36.24 -19.27 -33.52
C TRP A 169 35.41 -19.03 -32.29
N ASP A 170 35.92 -18.24 -31.36
CA ASP A 170 35.14 -17.90 -30.19
C ASP A 170 34.25 -16.74 -30.57
N LEU A 171 32.97 -17.03 -30.74
CA LEU A 171 32.02 -16.04 -31.28
C LEU A 171 31.74 -14.85 -30.36
N ASN A 172 31.92 -15.02 -29.05
CA ASN A 172 31.90 -13.85 -28.16
C ASN A 172 32.87 -12.76 -28.61
N ILE A 173 34.06 -13.17 -29.05
CA ILE A 173 35.06 -12.20 -29.49
C ILE A 173 34.59 -11.53 -30.77
N ARG A 174 34.03 -12.34 -31.67
CA ARG A 174 33.53 -11.84 -32.92
C ARG A 174 32.40 -10.83 -32.65
N LEU A 175 31.43 -11.22 -31.83
CA LEU A 175 30.32 -10.34 -31.55
C LEU A 175 30.80 -8.95 -31.17
N LYS A 176 31.78 -8.89 -30.27
CA LYS A 176 32.30 -7.59 -29.85
C LYS A 176 32.99 -6.85 -30.99
N GLU A 177 33.65 -7.59 -31.87
CA GLU A 177 34.31 -6.94 -33.02
C GLU A 177 33.28 -6.30 -33.92
N LEU A 178 32.10 -6.88 -33.96
CA LEU A 178 31.02 -6.37 -34.79
C LEU A 178 30.51 -5.07 -34.24
N GLY A 179 30.79 -4.83 -32.95
CA GLY A 179 30.57 -3.54 -32.32
C GLY A 179 29.11 -3.24 -32.03
N GLU A 180 28.66 -2.09 -32.54
CA GLU A 180 27.29 -1.59 -32.39
C GLU A 180 26.04 -2.45 -32.25
N ILE A 181 25.46 -2.45 -31.05
CA ILE A 181 24.19 -3.17 -30.90
C ILE A 181 23.46 -2.87 -29.58
N VAL A 182 22.24 -2.34 -29.71
CA VAL A 182 21.40 -2.01 -28.56
C VAL A 182 20.41 -3.11 -28.20
N LYS A 183 20.58 -3.69 -27.03
CA LYS A 183 19.62 -4.60 -26.46
C LYS A 183 18.55 -3.76 -25.78
N LEU A 184 17.30 -3.89 -26.23
CA LEU A 184 16.19 -3.09 -25.71
C LEU A 184 15.62 -3.66 -24.43
N LYS A 185 14.91 -2.81 -23.68
CA LYS A 185 14.18 -3.26 -22.49
C LYS A 185 12.73 -3.62 -22.81
N GLN A 186 12.29 -3.32 -24.03
CA GLN A 186 11.04 -3.85 -24.57
C GLN A 186 11.21 -5.35 -24.71
N THR A 187 10.20 -6.13 -24.40
CA THR A 187 10.32 -7.57 -24.59
C THR A 187 9.16 -8.13 -25.37
N LEU A 188 9.28 -9.41 -25.66
CA LEU A 188 8.22 -10.20 -26.26
C LEU A 188 7.37 -10.90 -25.20
N ALA A 189 7.37 -10.37 -23.98
CA ALA A 189 6.51 -10.88 -22.91
C ALA A 189 5.04 -10.83 -23.29
N ASN A 190 4.23 -11.58 -22.54
CA ASN A 190 2.78 -11.61 -22.68
C ASN A 190 2.12 -10.29 -22.29
N THR A 191 2.65 -9.67 -21.24
CA THR A 191 2.16 -8.40 -20.73
C THR A 191 2.92 -7.26 -21.37
N ILE A 192 2.22 -6.50 -22.20
CA ILE A 192 2.85 -5.36 -22.83
C ILE A 192 2.68 -4.13 -21.94
N ARG A 193 3.69 -3.28 -21.89
CA ARG A 193 3.62 -2.07 -21.07
C ARG A 193 3.27 -0.84 -21.91
N MET A 194 2.14 -0.21 -21.60
CA MET A 194 1.71 1.02 -22.26
C MET A 194 2.15 2.26 -21.48
N GLY A 195 2.94 3.12 -22.12
CA GLY A 195 3.46 4.29 -21.45
C GLY A 195 2.57 5.51 -21.63
N ILE A 196 2.22 6.16 -20.52
CA ILE A 196 1.32 7.32 -20.59
C ILE A 196 2.06 8.59 -20.98
N VAL A 197 1.62 9.23 -22.05
CA VAL A 197 2.11 10.55 -22.44
C VAL A 197 0.95 11.55 -22.43
N ASN A 198 0.84 12.28 -21.33
CA ASN A 198 -0.18 13.28 -21.14
C ASN A 198 0.30 14.63 -21.66
N LEU A 199 -0.50 15.27 -22.50
CA LEU A 199 -0.15 16.61 -23.01
C LEU A 199 -0.96 17.73 -22.32
N SER A 200 -1.85 17.35 -21.42
CA SER A 200 -2.70 18.31 -20.71
C SER A 200 -1.92 19.20 -19.77
N ASN A 201 -2.62 20.07 -19.06
CA ASN A 201 -1.99 21.04 -18.16
C ASN A 201 -1.30 20.43 -16.93
N GLN A 202 -1.71 19.22 -16.54
CA GLN A 202 -1.05 18.51 -15.46
C GLN A 202 0.46 18.57 -15.62
N SER A 203 0.93 18.21 -16.81
CA SER A 203 2.36 18.24 -17.13
C SER A 203 2.75 19.57 -17.74
N PHE A 204 2.95 20.58 -16.91
CA PHE A 204 3.39 21.87 -17.45
C PHE A 204 4.57 22.49 -16.69
N SER A 205 5.68 22.58 -17.40
CA SER A 205 6.89 23.15 -16.85
C SER A 205 7.69 23.85 -17.94
N ASP A 206 7.04 24.09 -19.08
CA ASP A 206 7.63 24.84 -20.18
C ASP A 206 8.41 26.04 -19.67
N GLY A 207 9.59 26.26 -20.22
CA GLY A 207 10.44 27.38 -19.84
C GLY A 207 10.53 28.40 -20.96
N ASN A 208 11.24 29.49 -20.72
CA ASN A 208 11.27 30.59 -21.67
C ASN A 208 11.40 30.18 -23.14
N PHE A 209 12.30 29.25 -23.44
CA PHE A 209 12.55 28.93 -24.84
C PHE A 209 12.49 27.42 -25.12
N ASP A 210 11.82 26.69 -24.24
CA ASP A 210 11.78 25.23 -24.42
C ASP A 210 10.46 24.57 -24.05
N ASP A 211 9.96 23.74 -24.96
CA ASP A 211 8.75 22.96 -24.77
C ASP A 211 9.09 21.48 -24.65
N ASN A 212 10.31 21.18 -24.21
CA ASN A 212 10.87 19.85 -24.34
C ASN A 212 10.35 18.75 -23.40
N GLN A 213 9.60 19.10 -22.37
CA GLN A 213 9.20 18.11 -21.35
C GLN A 213 8.47 16.84 -21.84
N ARG A 214 7.52 16.98 -22.76
CA ARG A 214 6.77 15.81 -23.25
C ARG A 214 7.66 14.93 -24.14
N LYS A 215 8.61 15.57 -24.79
CA LYS A 215 9.58 14.90 -25.63
C LYS A 215 10.58 14.11 -24.78
N LEU A 216 10.98 14.73 -23.67
CA LEU A 216 11.86 14.08 -22.71
C LEU A 216 11.15 12.89 -22.11
N ASN A 217 9.84 13.04 -21.90
CA ASN A 217 9.00 12.02 -21.30
C ASN A 217 8.82 10.84 -22.23
N LEU A 218 8.59 11.12 -23.51
CA LEU A 218 8.55 10.05 -24.49
C LEU A 218 9.87 9.26 -24.48
N ASP A 219 10.98 9.97 -24.40
CA ASP A 219 12.29 9.33 -24.48
C ASP A 219 12.51 8.39 -23.31
N GLU A 220 12.26 8.87 -22.10
CA GLU A 220 12.44 8.07 -20.89
C GLU A 220 11.63 6.78 -20.95
N LEU A 221 10.37 6.91 -21.33
CA LEU A 221 9.46 5.78 -21.48
C LEU A 221 9.99 4.76 -22.48
N ILE A 222 10.51 5.24 -23.62
CA ILE A 222 10.96 4.34 -24.66
C ILE A 222 12.23 3.63 -24.19
N GLN A 223 13.09 4.35 -23.47
CA GLN A 223 14.33 3.74 -23.00
C GLN A 223 14.08 2.67 -21.95
N SER A 224 13.06 2.88 -21.13
CA SER A 224 12.81 2.00 -20.00
C SER A 224 11.91 0.83 -20.41
N GLY A 225 11.57 0.76 -21.69
CA GLY A 225 10.97 -0.42 -22.26
C GLY A 225 9.49 -0.40 -22.60
N ALA A 226 8.83 0.75 -22.49
CA ALA A 226 7.43 0.78 -22.91
C ALA A 226 7.29 0.22 -24.32
N GLU A 227 6.44 -0.78 -24.47
CA GLU A 227 6.15 -1.38 -25.78
C GLU A 227 5.11 -0.53 -26.52
N ILE A 228 4.28 0.16 -25.74
CA ILE A 228 3.22 0.98 -26.32
C ILE A 228 3.28 2.38 -25.73
N ILE A 229 2.68 3.35 -26.41
CA ILE A 229 2.56 4.70 -25.87
C ILE A 229 1.11 5.17 -26.00
N ASP A 230 0.57 5.76 -24.93
CA ASP A 230 -0.80 6.23 -24.95
C ASP A 230 -0.82 7.74 -24.76
N ILE A 231 -1.11 8.45 -25.84
CA ILE A 231 -1.03 9.90 -25.81
C ILE A 231 -2.44 10.44 -25.64
N GLY A 232 -2.65 11.26 -24.61
CA GLY A 232 -3.92 11.91 -24.43
C GLY A 232 -3.66 13.38 -24.11
N ALA A 233 -4.56 14.26 -24.53
CA ALA A 233 -4.34 15.69 -24.38
C ALA A 233 -5.39 16.37 -23.52
N GLU A 234 -5.80 15.70 -22.44
CA GLU A 234 -6.70 16.35 -21.48
C GLU A 234 -6.54 15.78 -20.08
N SER A 235 -6.57 16.68 -19.10
CA SER A 235 -6.42 16.32 -17.69
C SER A 235 -7.46 15.32 -17.22
N ALA A 240 -10.85 19.72 -14.35
CA ALA A 240 -10.31 20.91 -15.02
C ALA A 240 -11.26 21.46 -16.08
N LYS A 241 -10.95 22.67 -16.54
CA LYS A 241 -11.69 23.32 -17.61
C LYS A 241 -11.72 22.46 -18.88
N PRO A 242 -12.92 22.19 -19.41
CA PRO A 242 -13.10 21.42 -20.65
C PRO A 242 -12.20 21.92 -21.77
N ILE A 243 -11.94 21.10 -22.77
CA ILE A 243 -11.20 21.57 -23.94
C ILE A 243 -11.94 21.31 -25.23
N SER A 244 -11.78 22.19 -26.20
CA SER A 244 -12.48 22.03 -27.47
C SER A 244 -11.89 20.88 -28.28
N ILE A 245 -12.66 20.47 -29.27
CA ILE A 245 -12.23 19.48 -30.26
C ILE A 245 -11.01 19.99 -31.00
N GLU A 246 -11.09 21.25 -31.43
CA GLU A 246 -10.03 21.85 -32.21
C GLU A 246 -8.72 21.89 -31.42
N GLU A 247 -8.81 22.23 -30.14
CA GLU A 247 -7.59 22.35 -29.34
C GLU A 247 -7.08 20.98 -28.91
N GLU A 248 -8.00 20.07 -28.57
CA GLU A 248 -7.59 18.71 -28.28
C GLU A 248 -6.89 18.16 -29.50
N PHE A 249 -7.49 18.36 -30.68
CA PHE A 249 -6.85 17.94 -31.92
C PHE A 249 -5.50 18.57 -32.12
N ASN A 250 -5.37 19.87 -31.85
CA ASN A 250 -4.10 20.56 -32.09
C ASN A 250 -2.92 19.95 -31.31
N LYS A 251 -3.10 19.75 -30.01
CA LYS A 251 -2.12 19.10 -29.16
C LYS A 251 -1.75 17.67 -29.62
N LEU A 252 -2.74 16.86 -29.98
CA LEU A 252 -2.44 15.50 -30.43
C LEU A 252 -1.67 15.51 -31.76
N ASN A 253 -2.18 16.26 -32.72
CA ASN A 253 -1.54 16.41 -34.03
C ASN A 253 -0.06 16.90 -34.00
N GLU A 254 0.22 17.90 -33.17
CA GLU A 254 1.54 18.51 -33.09
C GLU A 254 2.52 17.48 -32.58
N PHE A 255 2.07 16.70 -31.60
CA PHE A 255 2.88 15.64 -31.06
C PHE A 255 3.07 14.42 -31.99
N LEU A 256 2.02 13.98 -32.68
CA LEU A 256 2.19 12.92 -33.67
C LEU A 256 3.11 13.37 -34.81
N GLU A 257 2.98 14.61 -35.25
CA GLU A 257 3.85 15.09 -36.33
C GLU A 257 5.30 15.11 -35.83
N TYR A 258 5.46 15.37 -34.55
CA TYR A 258 6.75 15.40 -33.94
C TYR A 258 7.30 13.96 -33.87
N PHE A 259 6.46 13.03 -33.45
CA PHE A 259 6.77 11.61 -33.46
C PHE A 259 7.28 11.16 -34.85
N LYS A 260 6.48 11.40 -35.88
CA LYS A 260 6.86 11.05 -37.26
C LYS A 260 8.20 11.65 -37.68
N SER A 261 8.48 12.88 -37.24
CA SER A 261 9.75 13.49 -37.60
C SER A 261 10.92 12.77 -36.89
N GLN A 262 10.62 12.01 -35.86
CA GLN A 262 11.65 11.32 -35.08
C GLN A 262 11.77 9.84 -35.42
N LEU A 263 11.01 9.37 -36.40
CA LEU A 263 10.88 7.94 -36.61
C LEU A 263 12.23 7.23 -36.74
N ALA A 264 13.13 7.82 -37.53
CA ALA A 264 14.46 7.22 -37.72
C ALA A 264 15.44 7.48 -36.58
N ASN A 265 14.99 8.22 -35.57
CA ASN A 265 15.83 8.58 -34.41
C ASN A 265 15.44 7.79 -33.14
N LEU A 266 14.39 7.00 -33.23
CA LEU A 266 13.91 6.17 -32.13
C LEU A 266 14.64 4.81 -32.14
N ILE A 267 15.20 4.39 -31.02
CA ILE A 267 15.85 3.07 -30.96
C ILE A 267 14.79 1.97 -31.13
N TYR A 268 13.56 2.33 -30.74
CA TYR A 268 12.37 1.50 -30.78
C TYR A 268 11.15 2.38 -31.12
N LYS A 269 10.41 2.00 -32.17
CA LYS A 269 9.20 2.72 -32.58
C LYS A 269 7.99 2.11 -31.88
N PRO A 270 7.48 2.77 -30.85
CA PRO A 270 6.42 2.11 -30.08
C PRO A 270 5.09 2.08 -30.82
N LEU A 271 4.21 1.14 -30.46
CA LEU A 271 2.84 1.19 -30.91
C LEU A 271 2.17 2.41 -30.31
N VAL A 272 1.24 3.00 -31.04
CA VAL A 272 0.63 4.24 -30.59
C VAL A 272 -0.88 4.11 -30.27
N SER A 273 -1.21 4.50 -29.06
CA SER A 273 -2.57 4.47 -28.56
C SER A 273 -2.98 5.92 -28.39
N ILE A 274 -4.19 6.23 -28.81
CA ILE A 274 -4.65 7.61 -28.77
C ILE A 274 -5.74 7.66 -27.72
N ASP A 275 -5.55 8.53 -26.76
CA ASP A 275 -6.32 8.57 -25.53
C ASP A 275 -7.32 9.76 -25.57
N THR A 276 -8.51 9.56 -26.14
CA THR A 276 -9.53 10.61 -26.30
C THR A 276 -10.94 10.06 -26.27
N ARG A 277 -11.86 10.84 -25.71
CA ARG A 277 -13.26 10.46 -25.64
C ARG A 277 -14.09 11.22 -26.66
N LYS A 278 -13.44 12.01 -27.52
CA LYS A 278 -14.15 12.79 -28.51
C LYS A 278 -14.18 12.16 -29.89
N LEU A 279 -15.37 11.97 -30.44
CA LEU A 279 -15.56 11.31 -31.72
C LEU A 279 -14.88 12.06 -32.87
N GLU A 280 -14.93 13.38 -32.83
CA GLU A 280 -14.40 14.19 -33.92
C GLU A 280 -12.88 14.27 -33.84
N VAL A 281 -12.35 14.21 -32.63
CA VAL A 281 -10.91 14.11 -32.48
C VAL A 281 -10.41 12.83 -33.18
N MET A 282 -10.99 11.69 -32.82
CA MET A 282 -10.67 10.41 -33.45
C MET A 282 -10.69 10.50 -34.99
N GLN A 283 -11.80 11.05 -35.49
CA GLN A 283 -12.00 11.29 -36.91
C GLN A 283 -10.84 12.01 -37.56
N LYS A 284 -10.49 13.16 -37.02
CA LYS A 284 -9.44 13.98 -37.58
C LYS A 284 -8.06 13.39 -37.36
N ILE A 285 -7.82 12.84 -36.17
CA ILE A 285 -6.52 12.28 -35.87
C ILE A 285 -6.25 11.02 -36.67
N LEU A 286 -7.25 10.14 -36.77
CA LEU A 286 -7.13 8.95 -37.60
C LEU A 286 -6.97 9.29 -39.10
N ALA A 287 -7.65 10.32 -39.58
CA ALA A 287 -7.57 10.70 -40.97
C ALA A 287 -6.15 11.12 -41.33
N LYS A 288 -5.51 11.81 -40.40
CA LYS A 288 -4.16 12.33 -40.61
C LYS A 288 -3.05 11.31 -40.27
N HIS A 289 -3.30 10.42 -39.33
CA HIS A 289 -2.20 9.65 -38.72
C HIS A 289 -2.51 8.18 -38.53
N HIS A 290 -3.54 7.69 -39.18
CA HIS A 290 -3.90 6.29 -39.01
C HIS A 290 -2.74 5.31 -39.24
N ASP A 291 -1.78 5.68 -40.08
CA ASP A 291 -0.65 4.81 -40.41
C ASP A 291 0.23 4.45 -39.23
N ILE A 292 0.24 5.31 -38.21
CA ILE A 292 1.14 5.11 -37.07
C ILE A 292 0.40 4.92 -35.75
N ILE A 293 -0.92 4.80 -35.83
CA ILE A 293 -1.76 4.58 -34.66
C ILE A 293 -2.13 3.11 -34.57
N TRP A 294 -2.07 2.53 -33.38
CA TRP A 294 -2.40 1.12 -33.22
C TRP A 294 -3.74 0.98 -32.55
N MET A 295 -4.02 1.90 -31.64
CA MET A 295 -5.14 1.75 -30.74
C MET A 295 -5.84 3.07 -30.44
N ILE A 296 -7.15 2.98 -30.18
CA ILE A 296 -7.94 4.07 -29.63
C ILE A 296 -8.39 3.68 -28.21
N ASN A 297 -8.09 4.54 -27.25
CA ASN A 297 -8.43 4.29 -25.87
C ASN A 297 -9.39 5.37 -25.39
N ASP A 298 -10.67 5.02 -25.31
CA ASP A 298 -11.72 5.98 -24.99
C ASP A 298 -12.30 5.71 -23.59
N VAL A 299 -12.28 6.72 -22.71
CA VAL A 299 -12.76 6.53 -21.34
C VAL A 299 -14.25 6.75 -21.20
N GLU A 300 -14.84 7.51 -22.10
CA GLU A 300 -16.23 7.86 -21.94
C GLU A 300 -17.02 7.58 -23.19
N CYS A 301 -18.18 6.96 -23.05
CA CYS A 301 -18.90 6.58 -24.25
C CYS A 301 -20.07 7.48 -24.56
N ASN A 302 -19.96 8.12 -25.72
CA ASN A 302 -21.02 8.84 -26.36
C ASN A 302 -20.73 8.57 -27.83
N ASN A 303 -21.74 8.43 -28.66
CA ASN A 303 -21.48 8.26 -30.07
C ASN A 303 -20.82 6.91 -30.31
N ILE A 304 -20.82 6.06 -29.29
CA ILE A 304 -20.29 4.71 -29.41
C ILE A 304 -20.63 4.08 -30.76
N GLU A 305 -21.81 4.41 -31.27
CA GLU A 305 -22.21 3.94 -32.59
C GLU A 305 -21.24 4.39 -33.67
N GLN A 306 -21.15 5.70 -33.88
CA GLN A 306 -20.29 6.24 -34.94
C GLN A 306 -18.83 5.98 -34.67
N LYS A 307 -18.48 5.76 -33.41
CA LYS A 307 -17.11 5.49 -33.05
C LYS A 307 -16.68 4.12 -33.60
N ALA A 308 -17.55 3.12 -33.41
CA ALA A 308 -17.28 1.77 -33.92
C ALA A 308 -17.21 1.77 -35.44
N GLN A 309 -18.13 2.48 -36.06
CA GLN A 309 -18.12 2.63 -37.50
C GLN A 309 -16.80 3.24 -37.97
N LEU A 310 -16.16 3.99 -37.09
CA LEU A 310 -14.93 4.67 -37.46
C LEU A 310 -13.73 3.77 -37.24
N ILE A 311 -13.74 3.03 -36.14
CA ILE A 311 -12.68 2.10 -35.81
C ILE A 311 -12.64 0.96 -36.80
N ALA A 312 -13.82 0.58 -37.29
CA ALA A 312 -13.96 -0.49 -38.26
C ALA A 312 -13.32 -0.12 -39.59
N LYS A 313 -13.67 1.06 -40.10
CA LYS A 313 -13.05 1.55 -41.32
C LYS A 313 -11.54 1.55 -41.19
N TYR A 314 -11.05 1.79 -39.98
CA TYR A 314 -9.62 2.00 -39.78
C TYR A 314 -8.93 0.76 -39.25
N ASN A 315 -9.74 -0.23 -38.87
CA ASN A 315 -9.25 -1.51 -38.41
C ASN A 315 -8.23 -1.26 -37.33
N LYS A 316 -8.69 -0.78 -36.20
CA LYS A 316 -7.81 -0.40 -35.10
C LYS A 316 -8.27 -1.08 -33.81
N LYS A 317 -7.42 -1.12 -32.81
CA LYS A 317 -7.81 -1.75 -31.56
C LYS A 317 -8.67 -0.76 -30.78
N TYR A 318 -9.65 -1.29 -30.05
CA TYR A 318 -10.50 -0.46 -29.19
C TYR A 318 -10.53 -1.03 -27.76
N VAL A 319 -10.74 -0.15 -26.79
CA VAL A 319 -10.79 -0.54 -25.39
C VAL A 319 -12.16 -0.20 -24.82
N ILE A 320 -12.54 -0.90 -23.75
CA ILE A 320 -13.81 -0.68 -23.08
C ILE A 320 -13.57 -0.39 -21.62
N ILE A 321 -13.93 0.81 -21.20
CA ILE A 321 -13.70 1.20 -19.82
C ILE A 321 -15.02 1.28 -19.04
N HIS A 322 -14.90 1.17 -17.72
CA HIS A 322 -16.02 1.35 -16.81
C HIS A 322 -15.59 2.37 -15.76
N ASN A 323 -16.23 3.54 -15.75
CA ASN A 323 -17.42 3.79 -16.55
C ASN A 323 -17.15 4.58 -17.82
N TYR A 345 -22.35 -5.47 -18.55
CA TYR A 345 -22.36 -4.16 -19.20
C TYR A 345 -21.42 -4.09 -20.42
N ILE A 346 -20.15 -4.38 -20.19
CA ILE A 346 -19.15 -4.44 -21.27
C ILE A 346 -19.70 -5.21 -22.45
N GLU A 347 -20.57 -6.16 -22.13
CA GLU A 347 -21.17 -7.01 -23.15
C GLU A 347 -21.97 -6.20 -24.16
N GLN A 348 -22.91 -5.38 -23.67
CA GLN A 348 -23.75 -4.60 -24.56
C GLN A 348 -22.91 -3.79 -25.54
N LYS A 349 -21.93 -3.07 -25.00
CA LYS A 349 -20.98 -2.34 -25.83
C LYS A 349 -20.33 -3.26 -26.85
N LYS A 350 -19.74 -4.35 -26.35
CA LYS A 350 -19.06 -5.31 -27.21
C LYS A 350 -19.91 -5.70 -28.40
N GLN A 351 -21.20 -5.93 -28.13
CA GLN A 351 -22.14 -6.35 -29.16
C GLN A 351 -22.32 -5.26 -30.22
N ILE A 352 -22.45 -4.02 -29.75
CA ILE A 352 -22.57 -2.88 -30.66
C ILE A 352 -21.35 -2.80 -31.56
N LEU A 353 -20.17 -2.84 -30.93
CA LEU A 353 -18.92 -2.81 -31.66
C LEU A 353 -18.90 -3.99 -32.62
N LEU A 354 -19.07 -5.19 -32.06
CA LEU A 354 -19.13 -6.41 -32.84
C LEU A 354 -20.11 -6.24 -34.00
N LYS A 355 -21.24 -5.64 -33.70
CA LYS A 355 -22.28 -5.37 -34.70
C LYS A 355 -21.74 -4.54 -35.84
N HIS A 356 -21.26 -3.34 -35.53
CA HIS A 356 -20.83 -2.40 -36.55
C HIS A 356 -19.58 -2.82 -37.32
N GLY A 357 -19.09 -4.03 -37.03
CA GLY A 357 -18.04 -4.63 -37.85
C GLY A 357 -16.69 -4.71 -37.16
N ILE A 358 -16.68 -4.72 -35.84
CA ILE A 358 -15.42 -4.71 -35.11
C ILE A 358 -15.04 -6.10 -34.60
N ALA A 359 -14.03 -6.67 -35.24
CA ALA A 359 -13.49 -7.99 -34.88
C ALA A 359 -13.21 -8.06 -33.40
N GLN A 360 -13.73 -9.09 -32.76
CA GLN A 360 -13.66 -9.24 -31.31
C GLN A 360 -12.25 -9.22 -30.73
N GLN A 361 -11.29 -9.76 -31.48
CA GLN A 361 -9.92 -9.87 -30.99
C GLN A 361 -9.26 -8.49 -30.92
N ASN A 362 -9.74 -7.57 -31.76
CA ASN A 362 -9.24 -6.19 -31.76
C ASN A 362 -9.76 -5.35 -30.60
N ILE A 363 -10.30 -5.99 -29.57
CA ILE A 363 -10.93 -5.19 -28.53
C ILE A 363 -10.62 -5.63 -27.11
N TYR A 364 -10.22 -4.67 -26.29
CA TYR A 364 -9.84 -4.89 -24.91
C TYR A 364 -10.94 -4.36 -24.01
N PHE A 365 -10.90 -4.76 -22.75
CA PHE A 365 -11.76 -4.20 -21.72
C PHE A 365 -10.87 -3.66 -20.63
N ASP A 366 -11.37 -2.66 -19.92
CA ASP A 366 -10.69 -2.14 -18.74
C ASP A 366 -11.75 -1.98 -17.65
N ILE A 367 -11.46 -2.45 -16.44
CA ILE A 367 -12.46 -2.37 -15.39
C ILE A 367 -12.69 -0.92 -14.98
N GLY A 368 -11.61 -0.13 -14.93
CA GLY A 368 -11.72 1.30 -14.72
C GLY A 368 -11.62 1.74 -13.28
N PHE A 369 -10.41 1.73 -12.74
CA PHE A 369 -10.16 2.25 -11.40
C PHE A 369 -10.37 3.77 -11.40
N GLY A 370 -11.62 4.21 -11.24
CA GLY A 370 -11.94 5.63 -11.19
C GLY A 370 -13.34 5.97 -11.65
N LEU A 394 -12.46 -11.40 -24.45
CA LEU A 394 -11.92 -10.03 -24.45
C LEU A 394 -10.64 -9.87 -23.60
N LYS A 395 -9.55 -9.47 -24.25
CA LYS A 395 -8.28 -9.23 -23.56
C LYS A 395 -8.31 -8.08 -22.54
N ALA A 396 -7.40 -8.13 -21.57
CA ALA A 396 -7.50 -7.24 -20.42
C ALA A 396 -6.43 -6.16 -20.33
N LEU A 397 -6.90 -4.91 -20.32
CA LEU A 397 -6.04 -3.79 -20.08
C LEU A 397 -6.34 -3.28 -18.68
N VAL A 398 -5.31 -3.06 -17.88
CA VAL A 398 -5.53 -2.44 -16.58
C VAL A 398 -4.74 -1.15 -16.39
N GLY A 399 -5.47 -0.09 -16.03
CA GLY A 399 -4.88 1.19 -15.71
C GLY A 399 -4.89 1.36 -14.20
N HIS A 400 -3.71 1.31 -13.60
CA HIS A 400 -3.61 1.37 -12.15
C HIS A 400 -2.48 2.30 -11.73
N SER A 401 -1.76 2.87 -12.70
CA SER A 401 -0.61 3.68 -12.33
C SER A 401 -1.03 4.88 -11.50
N ARG A 402 -0.18 5.20 -10.53
CA ARG A 402 -0.38 6.34 -9.64
C ARG A 402 -1.83 6.55 -9.17
N LYS A 403 -2.57 5.45 -9.01
CA LYS A 403 -3.91 5.52 -8.42
C LYS A 403 -3.86 5.03 -6.98
N PRO A 404 -4.23 5.90 -6.03
CA PRO A 404 -4.12 5.63 -4.59
C PRO A 404 -5.11 4.58 -4.14
N SER A 405 -6.37 4.75 -4.55
CA SER A 405 -7.42 3.79 -4.23
C SER A 405 -6.97 2.34 -4.40
N VAL A 406 -6.09 2.10 -5.37
CA VAL A 406 -5.70 0.74 -5.73
C VAL A 406 -4.30 0.36 -5.28
N LEU A 407 -3.53 1.35 -4.85
CA LEU A 407 -2.22 1.09 -4.26
C LEU A 407 -2.28 1.39 -2.77
N GLY A 408 -3.51 1.44 -2.23
CA GLY A 408 -3.76 1.98 -0.90
C GLY A 408 -3.60 3.46 -0.62
N LEU A 409 -4.65 4.24 -0.88
CA LEU A 409 -4.60 5.69 -1.00
C LEU A 409 -3.45 6.33 -0.21
N LYS A 411 -3.46 10.28 0.19
CA LYS A 411 -2.81 10.51 -1.09
C LYS A 411 -1.96 11.80 -1.11
N ASP A 412 -1.23 12.05 -0.04
CA ASP A 412 -0.23 13.12 0.00
C ASP A 412 1.10 12.58 -0.54
N SER A 413 1.14 11.27 -0.79
CA SER A 413 2.36 10.59 -1.20
C SER A 413 2.98 11.20 -2.46
N ASN A 414 4.31 11.25 -2.48
CA ASN A 414 5.01 11.80 -3.63
C ASN A 414 5.05 10.82 -4.81
N LEU A 415 5.38 11.36 -5.99
CA LEU A 415 5.46 10.56 -7.22
C LEU A 415 6.48 9.42 -7.09
N ALA A 416 7.60 9.71 -6.43
CA ALA A 416 8.63 8.69 -6.24
C ALA A 416 8.11 7.55 -5.39
N THR A 417 6.96 7.74 -4.74
CA THR A 417 6.34 6.68 -3.95
C THR A 417 5.15 6.07 -4.68
N LEU A 418 4.36 6.91 -5.33
CA LEU A 418 3.22 6.45 -6.11
C LEU A 418 3.64 5.41 -7.14
N ASP A 419 4.77 5.67 -7.80
CA ASP A 419 5.28 4.78 -8.83
C ASP A 419 5.68 3.43 -8.23
N ARG A 420 6.35 3.48 -7.09
CA ARG A 420 6.83 2.26 -6.42
C ARG A 420 5.71 1.27 -6.12
N ALA A 421 4.57 1.77 -5.65
CA ALA A 421 3.43 0.88 -5.47
C ALA A 421 2.92 0.34 -6.80
N THR A 422 2.96 1.19 -7.83
CA THR A 422 2.60 0.76 -9.18
C THR A 422 3.63 -0.24 -9.70
N ARG A 423 4.89 0.18 -9.75
CA ARG A 423 5.98 -0.65 -10.26
C ARG A 423 6.06 -2.04 -9.61
N GLU A 424 5.69 -2.13 -8.33
CA GLU A 424 5.70 -3.41 -7.63
C GLU A 424 4.43 -4.19 -7.93
N LEU A 425 3.32 -3.48 -8.13
CA LEU A 425 2.06 -4.10 -8.52
C LEU A 425 2.02 -4.44 -10.03
N SER A 426 2.83 -3.72 -10.80
CA SER A 426 2.99 -4.02 -12.22
C SER A 426 3.66 -5.38 -12.27
N ARG A 427 4.79 -5.47 -11.55
CA ARG A 427 5.60 -6.69 -11.47
C ARG A 427 4.79 -7.92 -11.06
N LYS A 428 3.58 -7.70 -10.56
CA LYS A 428 2.72 -8.80 -10.15
C LYS A 428 1.69 -9.17 -11.23
N LEU A 429 1.19 -8.16 -11.93
CA LEU A 429 0.22 -8.38 -13.01
C LEU A 429 0.87 -9.04 -14.21
N GLU A 430 2.11 -8.68 -14.48
CA GLU A 430 2.89 -9.36 -15.49
C GLU A 430 2.86 -10.87 -15.22
N LYS A 431 3.19 -11.25 -13.99
CA LYS A 431 3.17 -12.65 -13.56
C LYS A 431 1.84 -13.27 -13.92
N LEU A 432 0.77 -12.57 -13.61
CA LEU A 432 -0.56 -12.99 -14.04
C LEU A 432 -0.66 -12.81 -15.55
N ASP A 433 -1.83 -13.08 -16.11
CA ASP A 433 -1.99 -13.13 -17.55
C ASP A 433 -1.99 -11.75 -18.23
N ILE A 434 -2.08 -10.69 -17.44
CA ILE A 434 -2.43 -9.35 -17.93
C ILE A 434 -1.87 -8.94 -19.30
N ASP A 435 -2.77 -8.72 -20.24
CA ASP A 435 -2.34 -8.38 -21.59
C ASP A 435 -1.65 -7.03 -21.72
N ILE A 436 -2.26 -5.99 -21.14
CA ILE A 436 -1.70 -4.64 -21.20
C ILE A 436 -1.83 -3.89 -19.88
N ILE A 437 -0.75 -3.27 -19.42
CA ILE A 437 -0.85 -2.37 -18.26
C ILE A 437 -0.38 -0.95 -18.60
N ARG A 438 -1.20 0.03 -18.21
CA ARG A 438 -0.97 1.43 -18.49
C ARG A 438 -0.24 2.06 -17.32
N VAL A 439 0.97 2.57 -17.55
CA VAL A 439 1.79 3.14 -16.49
C VAL A 439 2.57 4.40 -16.88
N HIS A 440 2.90 5.21 -15.87
CA HIS A 440 3.73 6.41 -16.04
C HIS A 440 5.21 6.04 -16.04
N LYS A 441 5.55 5.07 -15.21
CA LYS A 441 6.91 4.58 -15.12
C LYS A 441 6.89 3.07 -15.30
N ILE A 442 7.86 2.54 -16.03
CA ILE A 442 7.94 1.10 -16.28
C ILE A 442 8.41 0.35 -15.02
N HIS B 20 -32.91 -18.72 24.99
CA HIS B 20 -32.52 -18.58 26.40
C HIS B 20 -31.50 -17.46 26.56
N MET B 21 -31.52 -16.53 25.60
CA MET B 21 -30.64 -15.38 25.60
C MET B 21 -31.37 -14.15 26.09
N VAL B 22 -30.76 -13.46 27.04
CA VAL B 22 -31.26 -12.23 27.61
C VAL B 22 -30.28 -11.12 27.26
N GLN B 23 -30.77 -9.90 27.06
CA GLN B 23 -29.89 -8.80 26.74
C GLN B 23 -29.73 -7.85 27.93
N TYR B 24 -28.48 -7.61 28.32
CA TYR B 24 -28.20 -6.80 29.48
C TYR B 24 -27.32 -5.63 29.06
N ILE B 25 -27.43 -4.52 29.80
CA ILE B 25 -26.50 -3.41 29.71
C ILE B 25 -25.82 -3.33 31.07
N ILE B 26 -24.49 -3.42 31.07
CA ILE B 26 -23.68 -3.40 32.28
C ILE B 26 -22.94 -2.06 32.34
N GLY B 27 -23.06 -1.37 33.49
CA GLY B 27 -22.37 -0.11 33.72
C GLY B 27 -21.01 -0.42 34.30
N ILE B 28 -19.96 0.22 33.80
CA ILE B 28 -18.59 -0.04 34.28
C ILE B 28 -17.99 1.29 34.65
N GLY B 29 -17.60 1.46 35.91
CA GLY B 29 -16.96 2.69 36.34
C GLY B 29 -15.67 2.42 37.10
N THR B 30 -14.74 3.36 37.03
CA THR B 30 -13.48 3.22 37.75
C THR B 30 -12.94 4.59 38.05
N ASN B 31 -12.35 4.74 39.23
CA ASN B 31 -11.71 6.01 39.52
C ASN B 31 -10.31 5.90 40.12
N SER B 32 -9.63 4.76 39.97
CA SER B 32 -8.28 4.66 40.51
C SER B 32 -7.36 3.78 39.69
N GLY B 33 -6.05 3.97 39.84
CA GLY B 33 -5.07 3.19 39.14
C GLY B 33 -5.08 3.52 37.65
N PHE B 34 -4.81 2.53 36.81
CA PHE B 34 -4.88 2.70 35.34
C PHE B 34 -6.32 2.54 34.85
N THR B 35 -7.00 3.66 34.71
CA THR B 35 -8.46 3.62 34.61
C THR B 35 -8.90 2.90 33.37
N ILE B 36 -8.40 3.29 32.19
CA ILE B 36 -8.84 2.60 30.99
C ILE B 36 -8.53 1.11 31.11
N GLU B 37 -7.36 0.76 31.63
CA GLU B 37 -6.98 -0.64 31.73
C GLU B 37 -7.97 -1.39 32.62
N ASN B 38 -8.34 -0.79 33.75
CA ASN B 38 -9.31 -1.43 34.63
C ASN B 38 -10.59 -1.76 33.87
N ILE B 39 -11.01 -0.83 33.00
CA ILE B 39 -12.23 -1.02 32.22
C ILE B 39 -12.14 -2.11 31.13
N HIS B 40 -11.08 -2.05 30.32
CA HIS B 40 -10.83 -3.11 29.33
C HIS B 40 -10.77 -4.49 30.00
N LEU B 41 -10.09 -4.59 31.14
CA LEU B 41 -9.98 -5.90 31.82
C LEU B 41 -11.33 -6.42 32.27
N ALA B 42 -12.19 -5.54 32.76
CA ALA B 42 -13.54 -5.92 33.17
C ALA B 42 -14.31 -6.44 31.96
N ILE B 43 -14.12 -5.78 30.83
CA ILE B 43 -14.78 -6.18 29.60
C ILE B 43 -14.25 -7.54 29.11
N THR B 44 -12.95 -7.71 29.17
CA THR B 44 -12.31 -8.96 28.76
C THR B 44 -12.84 -10.13 29.59
N ALA B 45 -12.92 -9.93 30.89
CA ALA B 45 -13.44 -10.93 31.78
C ALA B 45 -14.88 -11.30 31.43
N LEU B 46 -15.75 -10.32 31.17
CA LEU B 46 -17.11 -10.66 30.76
C LEU B 46 -17.09 -11.45 29.46
N GLU B 47 -16.35 -10.94 28.48
CA GLU B 47 -16.34 -11.57 27.17
C GLU B 47 -15.71 -12.97 27.23
N SER B 48 -14.85 -13.22 28.23
CA SER B 48 -14.25 -14.55 28.35
C SER B 48 -15.25 -15.68 28.75
N GLN B 49 -16.42 -15.32 29.29
CA GLN B 49 -17.40 -16.32 29.71
C GLN B 49 -18.02 -16.98 28.47
N GLN B 50 -18.10 -18.31 28.46
CA GLN B 50 -18.67 -19.03 27.31
C GLN B 50 -20.17 -18.76 27.12
N ASN B 51 -20.83 -18.26 28.16
CA ASN B 51 -22.26 -17.93 28.05
C ASN B 51 -22.58 -16.42 27.95
N ILE B 52 -21.57 -15.61 27.71
CA ILE B 52 -21.80 -14.18 27.46
C ILE B 52 -21.29 -13.77 26.08
N ARG B 53 -22.06 -12.99 25.34
CA ARG B 53 -21.54 -12.40 24.11
C ARG B 53 -21.61 -10.88 24.19
N ILE B 54 -20.52 -10.21 23.80
CA ILE B 54 -20.48 -8.74 23.78
C ILE B 54 -21.09 -8.20 22.47
N ILE B 55 -22.20 -7.48 22.58
CA ILE B 55 -22.85 -6.91 21.40
C ILE B 55 -22.25 -5.55 21.02
N ARG B 56 -22.10 -4.66 22.00
CA ARG B 56 -21.47 -3.37 21.74
C ARG B 56 -20.99 -2.67 23.00
N LYS B 57 -19.89 -1.93 22.86
CA LYS B 57 -19.32 -1.11 23.90
C LYS B 57 -19.70 0.35 23.64
N ALA B 58 -20.05 1.08 24.70
CA ALA B 58 -20.35 2.49 24.53
C ALA B 58 -19.07 3.31 24.65
N SER B 59 -19.23 4.60 24.44
CA SER B 59 -18.15 5.55 24.61
C SER B 59 -17.65 5.63 26.06
N LEU B 60 -16.60 6.43 26.22
CA LEU B 60 -15.98 6.68 27.49
C LEU B 60 -16.43 8.03 27.96
N TYR B 61 -16.78 8.14 29.25
CA TYR B 61 -17.38 9.35 29.81
C TYR B 61 -16.69 9.71 31.10
N SER B 62 -16.42 11.00 31.28
CA SER B 62 -15.71 11.48 32.45
C SER B 62 -16.66 12.25 33.32
N SER B 63 -16.60 11.98 34.61
CA SER B 63 -17.47 12.69 35.54
C SER B 63 -16.86 12.82 36.92
N LYS B 64 -17.23 13.90 37.60
CA LYS B 64 -16.79 14.22 38.95
C LYS B 64 -17.18 13.14 39.95
N ALA B 65 -16.25 12.80 40.85
CA ALA B 65 -16.51 11.83 41.91
C ALA B 65 -17.97 11.76 42.34
N ILE B 77 -9.72 11.90 42.13
CA ILE B 77 -9.72 11.89 40.67
C ILE B 77 -11.10 11.55 40.04
N ARG B 78 -11.30 11.98 38.80
CA ARG B 78 -12.59 11.81 38.15
C ARG B 78 -12.82 10.34 37.81
N PHE B 79 -14.09 9.95 37.75
CA PHE B 79 -14.44 8.61 37.35
C PHE B 79 -14.31 8.46 35.85
N LEU B 80 -13.91 7.27 35.44
CA LEU B 80 -14.03 6.87 34.07
C LEU B 80 -15.19 5.86 33.96
N ASN B 81 -16.18 6.17 33.14
CA ASN B 81 -17.38 5.35 33.01
C ASN B 81 -17.74 4.96 31.58
N THR B 82 -18.34 3.79 31.44
CA THR B 82 -18.87 3.36 30.17
C THR B 82 -20.02 2.39 30.43
N ALA B 83 -20.51 1.74 29.38
CA ALA B 83 -21.44 0.63 29.51
C ALA B 83 -21.21 -0.34 28.37
N VAL B 84 -21.58 -1.59 28.57
CA VAL B 84 -21.51 -2.59 27.51
C VAL B 84 -22.82 -3.33 27.38
N LYS B 85 -23.21 -3.55 26.13
CA LYS B 85 -24.40 -4.35 25.89
C LYS B 85 -23.92 -5.72 25.53
N ILE B 86 -24.49 -6.72 26.21
CA ILE B 86 -24.13 -8.10 26.01
C ILE B 86 -25.39 -8.94 25.91
N SER B 87 -25.20 -10.17 25.46
CA SER B 87 -26.23 -11.18 25.40
C SER B 87 -25.73 -12.35 26.21
N SER B 88 -26.54 -12.86 27.11
CA SER B 88 -26.11 -13.97 27.94
C SER B 88 -27.32 -14.84 28.23
N SER B 89 -27.06 -16.09 28.61
CA SER B 89 -28.08 -16.98 29.09
C SER B 89 -28.07 -16.99 30.62
N LEU B 90 -27.35 -16.05 31.22
CA LEU B 90 -27.26 -15.99 32.68
C LEU B 90 -28.50 -15.31 33.25
N LYS B 91 -28.95 -15.80 34.41
CA LYS B 91 -30.09 -15.20 35.06
C LYS B 91 -29.62 -13.96 35.80
N PRO B 92 -30.53 -12.98 36.00
CA PRO B 92 -30.06 -11.76 36.66
C PRO B 92 -29.18 -12.02 37.88
N ASP B 93 -29.55 -12.94 38.78
CA ASP B 93 -28.76 -13.17 40.00
C ASP B 93 -27.44 -13.91 39.77
N GLU B 94 -27.43 -14.80 38.79
CA GLU B 94 -26.20 -15.44 38.37
C GLU B 94 -25.24 -14.43 37.80
N LEU B 95 -25.76 -13.53 36.95
CA LEU B 95 -24.94 -12.48 36.36
C LEU B 95 -24.39 -11.55 37.45
N LEU B 96 -25.21 -11.24 38.44
CA LEU B 96 -24.71 -10.43 39.56
C LEU B 96 -23.54 -11.12 40.26
N VAL B 97 -23.64 -12.44 40.46
CA VAL B 97 -22.57 -13.16 41.16
C VAL B 97 -21.24 -13.05 40.40
N LEU B 98 -21.29 -13.16 39.07
CA LEU B 98 -20.14 -12.88 38.21
C LEU B 98 -19.61 -11.45 38.39
N LEU B 99 -20.49 -10.46 38.39
CA LEU B 99 -20.01 -9.09 38.52
C LEU B 99 -19.18 -8.90 39.79
N LYS B 100 -19.67 -9.41 40.91
CA LYS B 100 -18.96 -9.29 42.18
C LYS B 100 -17.60 -10.01 42.12
N ASP B 101 -17.60 -11.19 41.48
CA ASP B 101 -16.36 -11.94 41.33
C ASP B 101 -15.36 -11.20 40.43
N ILE B 102 -15.85 -10.50 39.42
CA ILE B 102 -14.97 -9.67 38.59
C ILE B 102 -14.52 -8.43 39.34
N GLU B 103 -15.41 -7.85 40.14
CA GLU B 103 -15.01 -6.70 40.92
C GLU B 103 -13.86 -7.05 41.89
N LEU B 104 -13.80 -8.31 42.29
CA LEU B 104 -12.79 -8.77 43.25
C LEU B 104 -11.43 -9.04 42.62
N LYS B 105 -11.42 -9.41 41.35
CA LYS B 105 -10.18 -9.82 40.69
C LYS B 105 -9.48 -8.65 40.01
N ILE B 106 -10.27 -7.74 39.45
CA ILE B 106 -9.72 -6.64 38.66
C ILE B 106 -8.92 -5.64 39.49
N GLY B 107 -7.71 -5.31 39.02
CA GLY B 107 -6.90 -4.25 39.58
C GLY B 107 -6.27 -4.56 40.93
N ARG B 108 -6.27 -5.84 41.31
CA ARG B 108 -5.80 -6.24 42.63
C ARG B 108 -5.01 -7.54 42.56
N PRO B 117 -9.77 -0.72 48.02
CA PRO B 117 -9.00 -1.63 47.16
C PRO B 117 -9.80 -2.10 45.94
N ARG B 118 -11.13 -2.16 46.06
CA ARG B 118 -11.98 -2.37 44.89
C ARG B 118 -11.76 -1.19 43.95
N VAL B 119 -11.38 -1.48 42.71
CA VAL B 119 -11.08 -0.41 41.76
C VAL B 119 -12.12 -0.18 40.64
N ILE B 120 -12.93 -1.20 40.35
CA ILE B 120 -14.06 -1.08 39.43
C ILE B 120 -15.39 -1.41 40.10
N ASP B 121 -16.44 -0.71 39.64
CA ASP B 121 -17.81 -1.00 40.04
CA ASP B 121 -17.80 -1.00 40.04
C ASP B 121 -18.59 -1.46 38.82
N LEU B 122 -19.15 -2.67 38.89
CA LEU B 122 -19.98 -3.20 37.81
C LEU B 122 -21.44 -3.30 38.24
N ASP B 123 -22.32 -2.89 37.34
CA ASP B 123 -23.75 -2.80 37.65
C ASP B 123 -24.60 -3.27 36.49
N ILE B 124 -25.63 -4.06 36.81
CA ILE B 124 -26.68 -4.34 35.86
C ILE B 124 -27.54 -3.09 35.81
N LEU B 125 -27.42 -2.33 34.72
CA LEU B 125 -28.16 -1.09 34.55
C LEU B 125 -29.59 -1.41 34.11
N ALA B 126 -29.72 -2.33 33.15
CA ALA B 126 -31.00 -2.76 32.61
C ALA B 126 -30.93 -4.14 31.93
N ALA B 127 -32.10 -4.71 31.66
CA ALA B 127 -32.22 -5.91 30.83
C ALA B 127 -33.48 -5.72 29.99
N GLU B 128 -33.35 -4.94 28.92
CA GLU B 128 -34.46 -4.62 28.05
C GLU B 128 -35.64 -4.06 28.86
N ASP B 129 -36.76 -4.75 28.88
CA ASP B 129 -37.95 -4.24 29.56
C ASP B 129 -38.24 -4.87 30.93
N LEU B 130 -37.30 -5.68 31.42
CA LEU B 130 -37.48 -6.39 32.68
C LEU B 130 -37.61 -5.47 33.90
N ILE B 131 -38.57 -5.81 34.76
CA ILE B 131 -38.66 -5.21 36.09
C ILE B 131 -38.48 -6.31 37.10
N LEU B 132 -37.49 -6.13 37.96
CA LEU B 132 -37.14 -7.17 38.90
C LEU B 132 -36.66 -6.54 40.17
N GLU B 133 -37.39 -6.75 41.25
CA GLU B 133 -37.04 -6.15 42.53
C GLU B 133 -36.98 -7.24 43.57
N THR B 134 -35.76 -7.59 43.98
CA THR B 134 -35.57 -8.67 44.93
C THR B 134 -34.69 -8.18 46.07
N ASP B 135 -34.35 -9.09 46.98
CA ASP B 135 -33.53 -8.77 48.13
C ASP B 135 -32.06 -8.59 47.74
N LYS B 136 -31.69 -9.06 46.56
CA LYS B 136 -30.30 -9.00 46.09
C LYS B 136 -30.04 -7.94 45.04
N LEU B 137 -31.08 -7.55 44.33
CA LEU B 137 -30.92 -6.60 43.24
C LEU B 137 -32.24 -6.03 42.82
N THR B 138 -32.17 -4.91 42.10
CA THR B 138 -33.32 -4.36 41.41
C THR B 138 -32.89 -4.00 39.99
N ILE B 139 -33.75 -4.28 39.01
CA ILE B 139 -33.48 -3.95 37.62
C ILE B 139 -34.74 -3.29 37.10
N PRO B 140 -34.60 -2.12 36.45
CA PRO B 140 -33.33 -1.40 36.24
C PRO B 140 -32.67 -0.96 37.54
N HIS B 141 -31.37 -0.69 37.49
CA HIS B 141 -30.67 -0.25 38.67
C HIS B 141 -31.40 1.00 39.20
N LYS B 142 -31.65 1.03 40.51
CA LYS B 142 -32.43 2.11 41.10
C LYS B 142 -31.83 3.49 40.91
N GLU B 143 -30.51 3.56 40.79
CA GLU B 143 -29.85 4.84 40.60
C GLU B 143 -29.73 5.28 39.14
N LEU B 144 -29.92 4.36 38.20
CA LEU B 144 -29.73 4.68 36.76
C LEU B 144 -30.28 6.06 36.37
N ILE B 145 -31.50 6.37 36.83
CA ILE B 145 -32.19 7.62 36.45
C ILE B 145 -31.72 8.85 37.22
N ASN B 146 -30.73 8.65 38.09
CA ASN B 146 -30.10 9.75 38.83
C ASN B 146 -28.61 9.93 38.50
N ARG B 147 -28.09 9.06 37.61
CA ARG B 147 -26.66 9.07 37.27
C ARG B 147 -26.44 9.22 35.78
N SER B 148 -25.91 10.35 35.40
CA SER B 148 -25.74 10.68 34.00
C SER B 148 -24.65 9.78 33.44
N PHE B 149 -23.74 9.35 34.31
CA PHE B 149 -22.63 8.50 33.90
C PHE B 149 -23.06 7.04 33.75
N ALA B 150 -24.27 6.75 34.21
CA ALA B 150 -24.91 5.50 33.92
C ALA B 150 -25.88 5.69 32.73
N LEU B 151 -26.71 6.72 32.79
CA LEU B 151 -27.73 6.87 31.75
C LEU B 151 -27.10 7.22 30.40
N ALA B 152 -26.00 7.95 30.41
CA ALA B 152 -25.43 8.42 29.16
C ALA B 152 -24.94 7.28 28.25
N PRO B 153 -24.03 6.43 28.73
CA PRO B 153 -23.63 5.29 27.89
C PRO B 153 -24.81 4.34 27.60
N LEU B 154 -25.71 4.13 28.56
CA LEU B 154 -26.86 3.28 28.27
C LEU B 154 -27.62 3.75 27.04
N LEU B 155 -28.01 5.02 27.01
CA LEU B 155 -28.86 5.54 25.97
C LEU B 155 -28.09 5.56 24.66
N GLU B 156 -26.76 5.68 24.74
CA GLU B 156 -25.92 5.60 23.58
C GLU B 156 -26.02 4.24 22.93
N LEU B 157 -26.07 3.19 23.76
CA LEU B 157 -26.18 1.82 23.26
C LEU B 157 -27.60 1.47 22.83
N SER B 158 -28.57 2.03 23.54
CA SER B 158 -29.96 1.70 23.28
C SER B 158 -30.77 2.97 23.19
N LYS B 159 -30.76 3.59 22.00
CA LYS B 159 -31.44 4.87 21.80
C LYS B 159 -32.98 4.84 21.95
N GLY B 160 -33.59 3.67 21.82
CA GLY B 160 -35.02 3.60 22.01
C GLY B 160 -35.44 3.24 23.42
N TRP B 161 -34.49 3.14 24.35
CA TRP B 161 -34.83 2.58 25.66
C TRP B 161 -35.72 3.49 26.49
N HIS B 162 -36.83 2.94 26.95
CA HIS B 162 -37.65 3.57 27.97
C HIS B 162 -37.54 2.76 29.26
N HIS B 163 -37.46 3.43 30.39
CA HIS B 163 -37.50 2.77 31.70
C HIS B 163 -38.87 2.11 31.92
N PRO B 164 -38.88 0.79 32.17
CA PRO B 164 -40.14 0.04 32.25
C PRO B 164 -41.00 0.44 33.45
N LYS B 165 -40.42 1.14 34.42
CA LYS B 165 -41.17 1.60 35.58
C LYS B 165 -41.71 3.02 35.33
N TYR B 166 -41.16 3.68 34.33
CA TYR B 166 -41.60 5.02 33.95
C TYR B 166 -41.66 5.12 32.43
N VAL B 167 -42.60 4.39 31.82
CA VAL B 167 -42.68 4.27 30.37
C VAL B 167 -42.96 5.56 29.60
N GLU B 168 -43.56 6.56 30.25
CA GLU B 168 -43.93 7.78 29.56
C GLU B 168 -42.85 8.85 29.74
N TRP B 169 -41.72 8.44 30.32
CA TRP B 169 -40.62 9.36 30.56
C TRP B 169 -39.65 9.32 29.38
N ASP B 170 -39.54 10.40 28.65
CA ASP B 170 -38.50 10.49 27.63
C ASP B 170 -37.17 10.73 28.33
N LEU B 171 -36.32 9.70 28.35
CA LEU B 171 -35.08 9.74 29.13
C LEU B 171 -34.04 10.71 28.63
N ASN B 172 -34.11 11.04 27.35
CA ASN B 172 -33.29 12.09 26.75
C ASN B 172 -33.47 13.40 27.53
N ILE B 173 -34.69 13.63 27.99
CA ILE B 173 -35.02 14.81 28.78
C ILE B 173 -34.38 14.71 30.17
N ARG B 174 -34.53 13.55 30.79
CA ARG B 174 -33.93 13.31 32.10
C ARG B 174 -32.43 13.48 32.04
N LEU B 175 -31.82 13.03 30.96
CA LEU B 175 -30.37 13.11 30.81
C LEU B 175 -29.94 14.57 30.77
N LYS B 176 -30.77 15.41 30.16
CA LYS B 176 -30.54 16.86 30.20
C LYS B 176 -30.64 17.45 31.61
N GLU B 177 -31.58 16.97 32.41
CA GLU B 177 -31.74 17.45 33.79
C GLU B 177 -30.55 17.13 34.66
N LEU B 178 -29.77 16.12 34.25
CA LEU B 178 -28.77 15.55 35.14
C LEU B 178 -27.44 16.30 35.15
N GLY B 179 -26.66 16.06 36.18
CA GLY B 179 -25.34 16.67 36.31
C GLY B 179 -24.52 16.53 35.03
N GLU B 180 -23.87 17.63 34.62
CA GLU B 180 -23.06 17.65 33.41
C GLU B 180 -22.15 16.44 33.29
N ILE B 181 -21.83 16.05 32.06
CA ILE B 181 -20.98 14.90 31.84
C ILE B 181 -20.20 14.99 30.52
N VAL B 182 -18.91 14.66 30.59
CA VAL B 182 -18.06 14.75 29.41
C VAL B 182 -17.90 13.43 28.68
N LYS B 183 -18.29 13.42 27.40
CA LYS B 183 -18.07 12.28 26.53
C LYS B 183 -16.64 12.39 26.01
N LEU B 184 -15.77 11.50 26.46
CA LEU B 184 -14.36 11.55 26.05
C LEU B 184 -14.17 11.18 24.59
N LYS B 185 -12.99 11.49 24.07
CA LYS B 185 -12.57 11.11 22.70
C LYS B 185 -11.62 9.91 22.74
N GLN B 186 -11.22 9.53 23.95
CA GLN B 186 -10.55 8.27 24.22
C GLN B 186 -11.58 7.17 24.01
N THR B 187 -11.17 6.01 23.49
CA THR B 187 -12.13 4.95 23.22
C THR B 187 -11.64 3.60 23.70
N LEU B 188 -12.55 2.65 23.75
CA LEU B 188 -12.23 1.24 24.05
C LEU B 188 -11.82 0.45 22.80
N ALA B 189 -11.26 1.12 21.80
CA ALA B 189 -10.80 0.46 20.58
C ALA B 189 -9.61 -0.49 20.82
N ASN B 190 -9.42 -1.41 19.90
CA ASN B 190 -8.34 -2.37 19.97
C ASN B 190 -7.01 -1.66 19.86
N THR B 191 -6.98 -0.63 19.02
CA THR B 191 -5.79 0.17 18.79
C THR B 191 -5.81 1.40 19.69
N ILE B 192 -4.82 1.52 20.56
CA ILE B 192 -4.74 2.72 21.37
C ILE B 192 -3.65 3.68 20.87
N ARG B 193 -3.92 4.97 21.02
CA ARG B 193 -3.01 6.01 20.58
C ARG B 193 -2.13 6.48 21.72
N MET B 194 -0.85 6.55 21.42
CA MET B 194 0.12 7.00 22.37
C MET B 194 0.58 8.37 21.95
N GLY B 195 0.15 9.40 22.68
CA GLY B 195 0.50 10.78 22.34
C GLY B 195 1.91 11.10 22.80
N ILE B 196 2.69 11.72 21.92
CA ILE B 196 4.09 12.02 22.24
C ILE B 196 4.26 13.31 23.02
N VAL B 197 4.84 13.21 24.20
CA VAL B 197 5.20 14.38 24.99
C VAL B 197 6.73 14.50 25.02
N ASN B 198 7.28 15.36 24.17
CA ASN B 198 8.71 15.57 24.16
C ASN B 198 9.06 16.77 24.98
N LEU B 199 10.07 16.60 25.84
CA LEU B 199 10.47 17.60 26.83
C LEU B 199 11.87 18.12 26.53
N SER B 200 12.43 17.75 25.39
CA SER B 200 13.80 18.14 25.01
C SER B 200 13.86 19.55 24.45
N ASN B 201 15.05 19.94 23.99
CA ASN B 201 15.28 21.24 23.38
C ASN B 201 14.35 21.51 22.19
N GLN B 202 13.99 20.46 21.46
CA GLN B 202 13.17 20.62 20.28
C GLN B 202 11.87 21.40 20.52
N SER B 203 11.35 21.32 21.74
CA SER B 203 10.07 21.91 22.09
C SER B 203 10.17 23.03 23.13
N PHE B 204 11.40 23.45 23.44
CA PHE B 204 11.58 24.58 24.35
C PHE B 204 10.97 25.86 23.82
N SER B 205 10.16 26.52 24.65
CA SER B 205 9.57 27.79 24.23
C SER B 205 9.14 28.75 25.35
N ASP B 206 9.71 28.58 26.53
CA ASP B 206 9.38 29.43 27.66
C ASP B 206 9.33 30.93 27.30
N GLY B 207 8.36 31.64 27.86
CA GLY B 207 8.36 33.10 27.84
C GLY B 207 8.91 33.58 29.17
N ASN B 208 8.92 34.89 29.43
CA ASN B 208 9.60 35.42 30.63
C ASN B 208 9.14 34.82 31.95
N PHE B 209 7.89 34.40 32.03
CA PHE B 209 7.40 33.85 33.29
C PHE B 209 6.53 32.63 33.05
N ASP B 210 6.85 31.90 31.99
CA ASP B 210 6.00 30.84 31.44
C ASP B 210 6.82 29.61 31.10
N ASP B 211 6.35 28.45 31.50
CA ASP B 211 6.93 27.19 31.06
C ASP B 211 5.80 26.36 30.47
N ASN B 212 4.65 26.98 30.28
CA ASN B 212 3.39 26.25 30.08
C ASN B 212 3.18 25.52 28.76
N GLN B 213 4.00 25.79 27.74
CA GLN B 213 3.78 25.15 26.45
C GLN B 213 3.72 23.61 26.54
N ARG B 214 4.60 23.02 27.35
CA ARG B 214 4.57 21.58 27.58
C ARG B 214 3.27 21.10 28.22
N LYS B 215 2.69 21.94 29.06
CA LYS B 215 1.45 21.57 29.74
C LYS B 215 0.25 21.69 28.82
N LEU B 216 0.28 22.70 27.97
CA LEU B 216 -0.80 22.95 27.03
C LEU B 216 -0.85 21.82 25.99
N ASN B 217 0.32 21.32 25.60
CA ASN B 217 0.43 20.23 24.64
C ASN B 217 -0.09 18.91 25.22
N LEU B 218 0.10 18.71 26.52
CA LEU B 218 -0.54 17.62 27.23
C LEU B 218 -2.08 17.78 27.19
N ASP B 219 -2.58 18.93 27.65
CA ASP B 219 -4.01 19.17 27.61
C ASP B 219 -4.55 18.79 26.24
N GLU B 220 -4.02 19.43 25.21
CA GLU B 220 -4.35 19.16 23.81
C GLU B 220 -4.40 17.66 23.50
N LEU B 221 -3.39 16.91 23.94
CA LEU B 221 -3.35 15.47 23.74
C LEU B 221 -4.52 14.77 24.40
N ILE B 222 -4.73 15.07 25.69
CA ILE B 222 -5.81 14.50 26.47
C ILE B 222 -7.18 14.78 25.85
N GLN B 223 -7.41 16.03 25.47
CA GLN B 223 -8.67 16.43 24.85
C GLN B 223 -8.93 15.67 23.56
N SER B 224 -7.88 15.51 22.77
CA SER B 224 -8.02 14.92 21.45
C SER B 224 -8.12 13.41 21.51
N GLY B 225 -8.02 12.83 22.71
CA GLY B 225 -8.35 11.43 22.86
C GLY B 225 -7.22 10.44 23.01
N ALA B 226 -5.99 10.93 23.08
CA ALA B 226 -4.86 10.04 23.34
C ALA B 226 -5.14 9.21 24.60
N GLU B 227 -4.99 7.89 24.49
CA GLU B 227 -5.21 7.00 25.61
C GLU B 227 -3.96 6.89 26.51
N ILE B 228 -2.79 6.93 25.89
CA ILE B 228 -1.55 6.86 26.64
C ILE B 228 -0.78 8.10 26.28
N ILE B 229 0.12 8.54 27.16
CA ILE B 229 1.09 9.56 26.78
C ILE B 229 2.48 8.96 26.89
N ASP B 230 3.35 9.34 25.95
CA ASP B 230 4.73 8.87 25.93
C ASP B 230 5.67 10.04 26.23
N ILE B 231 6.36 9.99 27.35
CA ILE B 231 7.17 11.12 27.79
C ILE B 231 8.67 10.89 27.62
N GLY B 232 9.32 11.77 26.86
CA GLY B 232 10.75 11.63 26.62
C GLY B 232 11.49 12.94 26.77
N ALA B 233 12.76 12.89 27.20
CA ALA B 233 13.54 14.11 27.35
C ALA B 233 14.76 14.20 26.44
N GLU B 234 15.11 13.10 25.77
CA GLU B 234 16.17 13.14 24.76
C GLU B 234 15.65 13.59 23.39
N SER B 235 16.42 14.40 22.68
CA SER B 235 16.04 14.81 21.33
C SER B 235 16.14 13.68 20.30
N THR B 236 15.36 13.80 19.24
CA THR B 236 15.25 12.75 18.24
C THR B 236 16.23 13.02 17.11
N LYS B 237 16.78 14.22 17.08
CA LYS B 237 17.78 14.60 16.09
C LYS B 237 18.98 13.67 16.14
N PRO B 238 19.31 13.06 15.00
CA PRO B 238 20.40 12.10 14.82
C PRO B 238 21.70 12.54 15.50
N ASP B 239 22.21 13.70 15.09
CA ASP B 239 23.37 14.29 15.75
C ASP B 239 22.95 15.53 16.55
N ALA B 240 23.13 15.44 17.87
CA ALA B 240 22.67 16.49 18.77
C ALA B 240 23.30 16.34 20.16
N PRO B 242 23.92 15.09 23.45
CA PRO B 242 24.03 14.13 24.55
C PRO B 242 23.62 14.78 25.86
N ILE B 243 22.86 14.08 26.69
CA ILE B 243 22.42 14.66 27.96
C ILE B 243 22.66 13.74 29.15
N SER B 244 22.95 14.33 30.29
CA SER B 244 23.36 13.58 31.45
C SER B 244 22.19 12.80 32.04
N ILE B 245 22.52 11.78 32.81
CA ILE B 245 21.53 11.00 33.54
C ILE B 245 20.73 11.93 34.42
N GLU B 246 21.46 12.86 35.04
CA GLU B 246 20.91 13.79 36.01
C GLU B 246 19.91 14.73 35.35
N GLU B 247 20.29 15.29 34.21
CA GLU B 247 19.45 16.29 33.56
C GLU B 247 18.24 15.66 32.89
N GLU B 248 18.42 14.46 32.34
CA GLU B 248 17.28 13.74 31.78
C GLU B 248 16.32 13.36 32.92
N PHE B 249 16.87 12.84 34.01
CA PHE B 249 16.02 12.53 35.16
C PHE B 249 15.25 13.74 35.62
N ASN B 250 15.94 14.88 35.71
CA ASN B 250 15.31 16.10 36.20
C ASN B 250 14.16 16.58 35.32
N LYS B 251 14.34 16.57 34.01
CA LYS B 251 13.28 16.98 33.10
C LYS B 251 12.07 16.09 33.27
N LEU B 252 12.30 14.78 33.39
CA LEU B 252 11.20 13.84 33.60
C LEU B 252 10.57 14.02 34.98
N ASN B 253 11.39 13.99 36.03
CA ASN B 253 10.84 14.11 37.38
C ASN B 253 9.96 15.36 37.52
N GLU B 254 10.41 16.46 36.91
CA GLU B 254 9.64 17.69 36.91
C GLU B 254 8.26 17.55 36.28
N PHE B 255 8.25 16.99 35.07
CA PHE B 255 6.99 16.84 34.38
C PHE B 255 6.06 15.89 35.15
N LEU B 256 6.61 14.79 35.62
CA LEU B 256 5.85 13.79 36.36
C LEU B 256 5.31 14.31 37.69
N GLU B 257 6.09 15.13 38.37
CA GLU B 257 5.60 15.78 39.58
C GLU B 257 4.43 16.72 39.26
N TYR B 258 4.47 17.33 38.09
CA TYR B 258 3.40 18.24 37.66
C TYR B 258 2.12 17.45 37.31
N PHE B 259 2.29 16.35 36.58
CA PHE B 259 1.20 15.45 36.22
C PHE B 259 0.48 14.93 37.48
N LYS B 260 1.24 14.40 38.43
CA LYS B 260 0.72 14.08 39.76
C LYS B 260 -0.04 15.24 40.44
N SER B 261 0.51 16.45 40.43
CA SER B 261 -0.23 17.59 40.98
C SER B 261 -1.58 17.83 40.27
N GLN B 262 -1.69 17.44 39.00
CA GLN B 262 -2.87 17.76 38.19
C GLN B 262 -3.82 16.58 38.05
N LEU B 263 -3.51 15.49 38.73
CA LEU B 263 -4.26 14.24 38.57
C LEU B 263 -5.77 14.44 38.67
N ALA B 264 -6.20 15.24 39.64
CA ALA B 264 -7.61 15.44 39.93
C ALA B 264 -8.26 16.46 38.99
N ASN B 265 -7.46 17.10 38.14
CA ASN B 265 -7.93 18.12 37.20
C ASN B 265 -8.00 17.61 35.77
N LEU B 266 -7.61 16.36 35.55
CA LEU B 266 -7.64 15.77 34.22
C LEU B 266 -9.01 15.14 33.99
N ILE B 267 -9.63 15.47 32.86
CA ILE B 267 -10.90 14.86 32.48
C ILE B 267 -10.65 13.36 32.26
N TYR B 268 -9.43 13.03 31.83
CA TYR B 268 -9.00 11.66 31.58
C TYR B 268 -7.55 11.53 32.03
N LYS B 269 -7.28 10.48 32.78
CA LYS B 269 -5.94 10.21 33.27
C LYS B 269 -5.25 9.19 32.38
N PRO B 270 -4.29 9.63 31.56
CA PRO B 270 -3.79 8.67 30.56
C PRO B 270 -2.76 7.69 31.15
N LEU B 271 -2.57 6.55 30.47
CA LEU B 271 -1.52 5.61 30.82
C LEU B 271 -0.21 6.30 30.56
N VAL B 272 0.78 6.06 31.41
CA VAL B 272 2.03 6.76 31.22
C VAL B 272 3.16 5.84 30.76
N SER B 273 3.74 6.21 29.64
CA SER B 273 4.89 5.52 29.12
C SER B 273 6.08 6.45 29.28
N ILE B 274 7.20 5.92 29.73
CA ILE B 274 8.41 6.72 29.88
C ILE B 274 9.34 6.34 28.76
N ASP B 275 9.64 7.33 27.90
CA ASP B 275 10.53 7.12 26.76
C ASP B 275 11.99 7.47 27.14
N THR B 276 12.75 6.49 27.59
CA THR B 276 14.17 6.67 27.91
C THR B 276 14.96 5.42 27.56
N ARG B 277 16.22 5.61 27.23
CA ARG B 277 17.11 4.51 26.88
C ARG B 277 18.15 4.24 27.97
N LYS B 278 18.20 5.10 28.97
CA LYS B 278 19.21 4.98 30.03
C LYS B 278 18.71 4.19 31.20
N LEU B 279 19.49 3.19 31.63
CA LEU B 279 19.10 2.38 32.78
C LEU B 279 18.91 3.21 34.05
N GLU B 280 19.81 4.14 34.27
CA GLU B 280 19.88 4.82 35.55
C GLU B 280 18.69 5.76 35.69
N VAL B 281 18.15 6.18 34.54
CA VAL B 281 16.97 7.04 34.53
C VAL B 281 15.66 6.26 34.77
N MET B 282 15.56 5.04 34.25
CA MET B 282 14.45 4.15 34.58
C MET B 282 14.50 3.80 36.05
N GLN B 283 15.70 3.52 36.55
CA GLN B 283 15.87 3.24 37.97
C GLN B 283 15.33 4.36 38.85
N LYS B 284 15.80 5.59 38.63
CA LYS B 284 15.36 6.71 39.43
C LYS B 284 13.87 7.05 39.22
N ILE B 285 13.40 7.02 37.98
CA ILE B 285 12.01 7.45 37.74
C ILE B 285 10.97 6.44 38.24
N LEU B 286 11.26 5.15 38.08
CA LEU B 286 10.37 4.14 38.64
C LEU B 286 10.42 4.20 40.17
N ALA B 287 11.55 4.59 40.73
CA ALA B 287 11.66 4.64 42.20
C ALA B 287 10.70 5.65 42.79
N LYS B 288 10.55 6.78 42.10
CA LYS B 288 9.75 7.92 42.55
C LYS B 288 8.31 7.83 42.07
N HIS B 289 8.12 7.21 40.92
CA HIS B 289 6.85 7.32 40.20
C HIS B 289 6.26 6.01 39.66
N HIS B 290 6.76 4.85 40.07
CA HIS B 290 6.23 3.61 39.53
C HIS B 290 4.70 3.56 39.62
N ASP B 291 4.14 4.19 40.65
CA ASP B 291 2.68 4.19 40.88
C ASP B 291 1.85 4.66 39.69
N ILE B 292 2.40 5.56 38.86
CA ILE B 292 1.64 6.12 37.73
C ILE B 292 2.22 5.71 36.40
N ILE B 293 3.21 4.85 36.42
CA ILE B 293 3.87 4.49 35.18
C ILE B 293 3.35 3.14 34.70
N TRP B 294 3.12 3.04 33.41
CA TRP B 294 2.52 1.84 32.87
C TRP B 294 3.56 1.16 32.06
N MET B 295 4.32 1.94 31.34
CA MET B 295 5.20 1.35 30.36
C MET B 295 6.54 2.06 30.32
N ILE B 296 7.58 1.28 30.02
CA ILE B 296 8.89 1.81 29.72
C ILE B 296 9.18 1.56 28.26
N ASN B 297 9.41 2.62 27.52
CA ASN B 297 9.64 2.55 26.10
C ASN B 297 11.12 2.86 25.80
N ASP B 298 11.93 1.83 25.60
CA ASP B 298 13.40 1.96 25.45
C ASP B 298 13.93 1.73 24.01
N VAL B 299 14.38 2.80 23.35
CA VAL B 299 14.90 2.66 21.97
C VAL B 299 16.26 1.97 21.87
N GLU B 300 16.92 1.71 23.00
CA GLU B 300 18.25 1.09 23.03
C GLU B 300 18.19 -0.43 23.18
N CYS B 301 19.34 -1.02 23.54
CA CYS B 301 19.42 -2.45 23.81
C CYS B 301 20.46 -2.68 24.92
N ASN B 302 21.38 -1.73 25.06
CA ASN B 302 22.45 -1.81 26.05
C ASN B 302 21.92 -2.01 27.48
N ASN B 303 22.66 -2.76 28.30
CA ASN B 303 22.26 -3.04 29.68
C ASN B 303 20.93 -3.80 29.77
N ILE B 304 20.60 -4.55 28.73
CA ILE B 304 19.32 -5.26 28.66
C ILE B 304 19.09 -6.23 29.83
N GLU B 305 20.17 -6.75 30.42
CA GLU B 305 20.06 -7.64 31.58
C GLU B 305 19.58 -6.92 32.84
N GLN B 306 20.26 -5.85 33.23
CA GLN B 306 19.81 -5.07 34.37
C GLN B 306 18.44 -4.43 34.12
N LYS B 307 18.19 -4.01 32.89
CA LYS B 307 16.91 -3.40 32.56
C LYS B 307 15.84 -4.45 32.77
N ALA B 308 16.03 -5.61 32.14
CA ALA B 308 15.15 -6.75 32.30
C ALA B 308 14.75 -6.99 33.74
N GLN B 309 15.74 -6.99 34.64
CA GLN B 309 15.46 -7.24 36.05
C GLN B 309 14.64 -6.12 36.69
N LEU B 310 14.93 -4.89 36.29
CA LEU B 310 14.25 -3.71 36.82
C LEU B 310 12.76 -3.71 36.46
N ILE B 311 12.49 -4.01 35.20
CA ILE B 311 11.15 -4.03 34.64
C ILE B 311 10.34 -5.15 35.25
N ALA B 312 11.00 -6.29 35.46
CA ALA B 312 10.38 -7.43 36.13
C ALA B 312 10.00 -7.09 37.58
N LYS B 313 10.90 -6.47 38.32
CA LYS B 313 10.63 -6.08 39.70
C LYS B 313 9.41 -5.15 39.79
N TYR B 314 9.23 -4.30 38.79
CA TYR B 314 8.16 -3.29 38.80
C TYR B 314 6.94 -3.69 37.98
N ASN B 315 7.06 -4.80 37.26
CA ASN B 315 5.94 -5.34 36.49
C ASN B 315 5.32 -4.31 35.56
N LYS B 316 6.13 -3.60 34.79
CA LYS B 316 5.59 -2.66 33.83
C LYS B 316 5.73 -3.25 32.43
N LYS B 317 5.13 -2.60 31.44
CA LYS B 317 5.24 -3.07 30.06
C LYS B 317 6.57 -2.57 29.52
N TYR B 318 7.11 -3.29 28.56
CA TYR B 318 8.39 -2.94 27.97
C TYR B 318 8.25 -3.09 26.46
N VAL B 319 8.94 -2.24 25.71
CA VAL B 319 8.93 -2.31 24.24
C VAL B 319 10.30 -2.68 23.69
N ILE B 320 10.35 -3.73 22.89
CA ILE B 320 11.59 -4.11 22.20
C ILE B 320 11.57 -3.46 20.83
N ILE B 321 12.49 -2.53 20.61
CA ILE B 321 12.56 -1.87 19.30
C ILE B 321 13.71 -2.45 18.50
N HIS B 322 13.51 -2.51 17.18
CA HIS B 322 14.60 -2.86 16.29
C HIS B 322 15.24 -1.59 15.73
N ASN B 323 16.41 -1.24 16.28
CA ASN B 323 17.05 0.05 16.01
C ASN B 323 18.19 -0.06 14.98
N ILE B 339 13.42 -8.76 7.40
CA ILE B 339 12.12 -9.31 7.79
C ILE B 339 12.26 -10.61 8.54
N ASP B 340 13.23 -11.42 8.14
CA ASP B 340 13.56 -12.63 8.87
C ASP B 340 14.59 -12.26 9.92
N ASN B 341 15.25 -11.12 9.71
CA ASN B 341 16.27 -10.62 10.61
C ASN B 341 15.66 -9.81 11.75
N VAL B 342 14.56 -9.14 11.46
CA VAL B 342 13.78 -8.46 12.47
C VAL B 342 13.32 -9.47 13.51
N CYS B 343 12.77 -10.58 13.04
CA CYS B 343 12.30 -11.65 13.93
C CYS B 343 13.40 -12.17 14.84
N ASP B 344 14.51 -12.57 14.24
CA ASP B 344 15.60 -13.14 15.03
C ASP B 344 16.11 -12.16 16.09
N TYR B 345 16.25 -10.89 15.69
CA TYR B 345 16.72 -9.87 16.61
C TYR B 345 15.79 -9.71 17.80
N ILE B 346 14.52 -9.47 17.51
CA ILE B 346 13.53 -9.28 18.55
C ILE B 346 13.33 -10.58 19.33
N GLU B 347 13.44 -11.70 18.64
CA GLU B 347 13.31 -13.01 19.27
C GLU B 347 14.41 -13.17 20.32
N GLN B 348 15.64 -12.82 19.96
CA GLN B 348 16.74 -13.00 20.87
C GLN B 348 16.49 -12.17 22.14
N LYS B 349 16.09 -10.92 21.95
CA LYS B 349 15.74 -10.01 23.04
C LYS B 349 14.64 -10.58 23.92
N LYS B 350 13.58 -11.07 23.26
CA LYS B 350 12.43 -11.62 23.98
C LYS B 350 12.87 -12.67 24.99
N GLN B 351 13.65 -13.64 24.51
CA GLN B 351 14.16 -14.73 25.35
C GLN B 351 14.90 -14.18 26.56
N ILE B 352 15.77 -13.21 26.32
CA ILE B 352 16.45 -12.52 27.41
C ILE B 352 15.49 -11.97 28.47
N LEU B 353 14.51 -11.18 28.03
CA LEU B 353 13.59 -10.58 28.97
C LEU B 353 12.82 -11.69 29.69
N LEU B 354 12.41 -12.70 28.94
CA LEU B 354 11.75 -13.87 29.49
C LEU B 354 12.58 -14.52 30.60
N LYS B 355 13.86 -14.76 30.29
CA LYS B 355 14.73 -15.41 31.26
C LYS B 355 14.70 -14.67 32.59
N HIS B 356 14.47 -13.35 32.54
CA HIS B 356 14.50 -12.55 33.76
C HIS B 356 13.16 -12.44 34.48
N GLY B 357 12.19 -13.25 34.04
CA GLY B 357 10.92 -13.38 34.72
C GLY B 357 9.91 -12.28 34.43
N ILE B 358 9.98 -11.68 33.24
CA ILE B 358 8.92 -10.77 32.87
C ILE B 358 7.92 -11.54 32.00
N ALA B 359 6.63 -11.27 32.19
CA ALA B 359 5.60 -12.01 31.48
C ALA B 359 5.58 -11.55 30.04
N GLN B 360 5.40 -12.49 29.13
CA GLN B 360 5.48 -12.17 27.72
C GLN B 360 4.40 -11.16 27.33
N GLN B 361 3.23 -11.25 27.96
CA GLN B 361 2.13 -10.34 27.59
C GLN B 361 2.43 -8.89 27.98
N ASN B 362 3.52 -8.70 28.73
CA ASN B 362 3.93 -7.37 29.13
C ASN B 362 4.86 -6.76 28.10
N ILE B 363 5.09 -7.49 27.00
CA ILE B 363 6.14 -7.13 26.06
C ILE B 363 5.60 -6.80 24.69
N TYR B 364 6.02 -5.66 24.16
CA TYR B 364 5.62 -5.19 22.83
C TYR B 364 6.83 -5.15 21.92
N PHE B 365 6.62 -5.28 20.61
CA PHE B 365 7.69 -5.04 19.65
C PHE B 365 7.43 -3.81 18.77
N ASP B 366 8.52 -3.19 18.31
CA ASP B 366 8.45 -2.07 17.41
C ASP B 366 9.46 -2.29 16.28
N ILE B 367 8.97 -2.36 15.05
CA ILE B 367 9.84 -2.52 13.89
C ILE B 367 10.97 -1.50 13.95
N GLY B 368 10.65 -0.30 14.42
CA GLY B 368 11.65 0.74 14.57
C GLY B 368 11.80 1.51 13.28
N PHE B 369 10.82 2.36 12.98
CA PHE B 369 10.91 3.17 11.78
C PHE B 369 11.77 4.40 12.04
N GLY B 370 12.80 4.59 11.20
CA GLY B 370 13.71 5.70 11.34
C GLY B 370 15.10 5.29 11.77
N PHE B 371 15.26 4.01 12.07
CA PHE B 371 16.53 3.50 12.57
C PHE B 371 17.18 2.56 11.56
N GLY B 372 17.96 3.14 10.65
CA GLY B 372 18.69 2.38 9.66
C GLY B 372 17.79 1.60 8.72
N LYS B 373 16.87 2.31 8.08
CA LYS B 373 15.94 1.68 7.15
C LYS B 373 15.45 2.66 6.09
N SER B 375 11.88 4.57 2.46
CA SER B 375 12.46 3.23 2.33
C SER B 375 11.44 2.25 1.76
N ASP B 376 11.95 1.21 1.09
CA ASP B 376 11.11 0.23 0.43
C ASP B 376 10.79 -0.89 1.42
N THR B 377 11.81 -1.34 2.13
CA THR B 377 11.62 -2.39 3.13
C THR B 377 10.90 -1.87 4.37
N ALA B 378 10.99 -0.58 4.63
CA ALA B 378 10.24 -0.02 5.74
C ALA B 378 8.75 -0.15 5.42
N ARG B 379 8.41 0.15 4.17
CA ARG B 379 7.04 -0.04 3.71
C ARG B 379 6.72 -1.53 3.62
N TYR B 380 7.76 -2.34 3.49
CA TYR B 380 7.60 -3.79 3.27
C TYR B 380 7.63 -4.60 4.56
N LEU B 381 7.97 -3.94 5.66
CA LEU B 381 7.90 -4.57 6.97
C LEU B 381 6.55 -4.21 7.59
N LEU B 382 6.00 -3.08 7.14
CA LEU B 382 4.70 -2.64 7.61
C LEU B 382 3.59 -3.54 7.08
N GLU B 383 3.59 -3.78 5.78
CA GLU B 383 2.61 -4.66 5.18
C GLU B 383 2.68 -6.06 5.80
N ASN B 384 3.80 -6.36 6.46
CA ASN B 384 3.96 -7.66 7.13
C ASN B 384 3.94 -7.61 8.66
N ILE B 385 3.47 -6.51 9.23
CA ILE B 385 3.47 -6.34 10.67
C ILE B 385 2.74 -7.49 11.39
N ILE B 386 1.58 -7.87 10.88
CA ILE B 386 0.76 -8.93 11.48
C ILE B 386 1.47 -10.28 11.49
N GLU B 387 1.87 -10.77 10.33
CA GLU B 387 2.64 -12.01 10.25
C GLU B 387 3.75 -11.98 11.28
N ILE B 388 4.48 -10.88 11.31
CA ILE B 388 5.53 -10.66 12.31
C ILE B 388 5.00 -10.77 13.74
N LYS B 389 3.84 -10.20 14.00
CA LYS B 389 3.28 -10.25 15.35
C LYS B 389 3.09 -11.69 15.81
N ARG B 390 2.76 -12.58 14.86
CA ARG B 390 2.42 -13.97 15.18
C ARG B 390 3.61 -14.88 15.47
N ARG B 391 4.64 -14.80 14.65
CA ARG B 391 5.86 -15.59 14.87
C ARG B 391 6.53 -15.20 16.18
N LEU B 392 6.29 -13.96 16.62
CA LEU B 392 6.86 -13.49 17.87
C LEU B 392 5.91 -13.78 19.03
N GLU B 393 4.61 -13.87 18.73
CA GLU B 393 3.62 -13.87 19.78
C GLU B 393 3.93 -12.68 20.69
N LEU B 394 3.99 -11.49 20.09
CA LEU B 394 4.17 -10.25 20.84
C LEU B 394 3.29 -9.14 20.28
N LYS B 395 2.64 -8.41 21.17
CA LYS B 395 1.81 -7.28 20.74
C LYS B 395 2.64 -6.22 20.00
N ALA B 396 1.98 -5.43 19.16
CA ALA B 396 2.71 -4.57 18.22
C ALA B 396 2.52 -3.08 18.49
N LEU B 397 3.64 -2.38 18.67
CA LEU B 397 3.65 -0.92 18.79
C LEU B 397 4.28 -0.31 17.53
N VAL B 398 3.59 0.65 16.91
CA VAL B 398 4.14 1.31 15.72
C VAL B 398 4.41 2.82 15.87
N GLY B 399 5.66 3.23 15.70
CA GLY B 399 6.00 4.64 15.67
C GLY B 399 6.24 5.17 14.26
N HIS B 400 5.19 5.69 13.63
CA HIS B 400 5.27 6.17 12.25
C HIS B 400 5.08 7.67 12.14
N SER B 401 4.69 8.32 13.24
CA SER B 401 4.36 9.74 13.18
C SER B 401 5.53 10.58 12.66
N ARG B 402 5.25 11.36 11.62
CA ARG B 402 6.22 12.27 11.04
C ARG B 402 7.52 11.60 10.54
N LYS B 403 7.47 10.31 10.23
CA LYS B 403 8.59 9.58 9.64
C LYS B 403 8.39 9.45 8.13
N PRO B 404 9.06 10.30 7.32
CA PRO B 404 8.78 10.30 5.88
C PRO B 404 9.03 8.94 5.22
N SER B 405 10.04 8.22 5.71
CA SER B 405 10.40 6.91 5.18
C SER B 405 9.25 5.91 5.09
N VAL B 406 8.21 6.12 5.90
CA VAL B 406 7.03 5.26 5.86
C VAL B 406 5.81 6.03 5.39
N LEU B 407 5.93 7.35 5.34
CA LEU B 407 4.82 8.18 4.91
C LEU B 407 4.83 8.42 3.40
N GLY B 408 5.92 8.04 2.75
CA GLY B 408 6.07 8.27 1.33
C GLY B 408 6.12 9.77 1.07
N LEU B 409 7.01 10.45 1.76
CA LEU B 409 7.11 11.90 1.69
C LEU B 409 8.55 12.38 1.74
N ASP B 412 11.13 15.36 3.55
CA ASP B 412 11.52 16.67 4.06
C ASP B 412 10.49 17.73 3.68
N SER B 413 9.30 17.61 4.26
CA SER B 413 8.13 18.39 3.85
C SER B 413 7.44 19.08 5.02
N ASN B 414 6.39 19.85 4.76
CA ASN B 414 5.79 20.68 5.82
C ASN B 414 5.04 19.90 6.91
N LEU B 415 5.04 20.45 8.12
CA LEU B 415 4.47 19.80 9.30
C LEU B 415 3.04 19.35 9.02
N ALA B 416 2.23 20.30 8.56
CA ALA B 416 0.84 20.03 8.25
C ALA B 416 0.71 18.79 7.38
N THR B 417 1.49 18.73 6.31
CA THR B 417 1.40 17.62 5.37
C THR B 417 1.84 16.32 6.03
N LEU B 418 2.99 16.33 6.69
CA LEU B 418 3.47 15.16 7.42
C LEU B 418 2.39 14.59 8.33
N ASP B 419 1.68 15.46 9.03
CA ASP B 419 0.64 15.05 9.97
C ASP B 419 -0.62 14.49 9.28
N ARG B 420 -1.02 15.12 8.18
CA ARG B 420 -2.12 14.62 7.36
C ARG B 420 -1.80 13.23 6.80
N ALA B 421 -0.52 12.98 6.52
CA ALA B 421 -0.10 11.66 6.09
C ALA B 421 -0.08 10.70 7.29
N THR B 422 0.41 11.19 8.43
CA THR B 422 0.38 10.41 9.66
C THR B 422 -1.05 9.97 10.00
N ARG B 423 -1.96 10.93 10.05
CA ARG B 423 -3.36 10.68 10.37
C ARG B 423 -3.99 9.59 9.52
N GLU B 424 -3.67 9.59 8.21
CA GLU B 424 -4.21 8.60 7.28
C GLU B 424 -3.68 7.18 7.47
N LEU B 425 -2.37 7.04 7.66
CA LEU B 425 -1.82 5.72 7.96
C LEU B 425 -2.31 5.20 9.34
N SER B 426 -2.47 6.08 10.31
CA SER B 426 -3.05 5.70 11.60
C SER B 426 -4.42 5.07 11.40
N ARG B 427 -5.26 5.69 10.57
CA ARG B 427 -6.59 5.17 10.25
C ARG B 427 -6.52 3.74 9.75
N LYS B 428 -5.52 3.47 8.90
CA LYS B 428 -5.32 2.16 8.32
C LYS B 428 -4.85 1.17 9.37
N LEU B 429 -3.99 1.63 10.26
CA LEU B 429 -3.44 0.76 11.29
C LEU B 429 -4.52 0.40 12.29
N GLU B 430 -5.36 1.38 12.63
CA GLU B 430 -6.52 1.12 13.48
C GLU B 430 -7.37 -0.01 12.90
N LYS B 431 -7.38 -0.12 11.57
CA LYS B 431 -8.18 -1.15 10.92
C LYS B 431 -7.52 -2.52 11.01
N LEU B 432 -6.19 -2.56 11.01
CA LEU B 432 -5.46 -3.82 11.20
C LEU B 432 -5.39 -4.24 12.69
N ASP B 433 -5.96 -3.44 13.57
CA ASP B 433 -5.87 -3.71 14.99
C ASP B 433 -4.42 -3.79 15.49
N ILE B 434 -3.52 -3.01 14.89
CA ILE B 434 -2.21 -2.81 15.50
C ILE B 434 -2.48 -2.29 16.93
N ASP B 435 -1.74 -2.79 17.91
CA ASP B 435 -2.10 -2.54 19.31
C ASP B 435 -1.86 -1.10 19.78
N ILE B 436 -0.67 -0.56 19.50
CA ILE B 436 -0.37 0.83 19.83
C ILE B 436 0.20 1.63 18.66
N ILE B 437 -0.31 2.85 18.46
CA ILE B 437 0.30 3.74 17.48
C ILE B 437 0.79 5.00 18.18
N ARG B 438 2.06 5.31 17.94
CA ARG B 438 2.72 6.42 18.62
C ARG B 438 2.75 7.65 17.72
N VAL B 439 1.87 8.60 17.98
CA VAL B 439 1.70 9.78 17.15
C VAL B 439 1.99 11.12 17.85
N HIS B 440 2.30 12.14 17.05
CA HIS B 440 2.47 13.50 17.56
C HIS B 440 1.13 14.18 17.79
N LYS B 441 0.17 13.95 16.90
CA LYS B 441 -1.18 14.46 17.07
C LYS B 441 -2.23 13.36 16.82
N ILE B 442 -3.26 13.34 17.68
CA ILE B 442 -4.19 12.22 17.81
C ILE B 442 -5.52 12.48 17.13
#